data_1A88
#
_entry.id   1A88
#
_cell.length_a   176.500
_cell.length_b   176.500
_cell.length_c   64.000
_cell.angle_alpha   90.00
_cell.angle_beta   90.00
_cell.angle_gamma   90.00
#
_symmetry.space_group_name_H-M   'I 4'
#
loop_
_entity.id
_entity.type
_entity.pdbx_description
1 polymer 'CHLOROPEROXIDASE L'
2 water water
#
_entity_poly.entity_id   1
_entity_poly.type   'polypeptide(L)'
_entity_poly.pdbx_seq_one_letter_code
;GTVTTSDGTNIFYKDWGPRDGLPVVFHHGWPLSADDWDNQMLFFLSHGYRVIAHDRRGHGRSDQPSTGHDMDTYAADVAA
LTEALDLRGAVHIGHSTGGGEVARYVARAEPGRVAKAVLVSAVPPVMVKSDTNPDGLPLEVFDEFRAALAANRAQFYIDV
PSGPFYGFNREGATVSQGLIDHWWLQGMMGAANAHYECIAAFSETDFTDDLKRIDVPVLVAHGTDDQVVPYADAAPKSAE
LLANATLKSYEGLPHGMLSTHPEVLNPDLLAFVKS
;
_entity_poly.pdbx_strand_id   A,B,C
#
# COMPACT_ATOMS: atom_id res chain seq x y z
N GLY A 1 8.41 13.22 -4.28
CA GLY A 1 7.97 14.58 -3.90
C GLY A 1 6.53 14.78 -4.22
N THR A 2 5.96 15.96 -3.96
CA THR A 2 4.59 16.20 -4.37
C THR A 2 4.46 17.61 -4.93
N VAL A 3 3.47 17.85 -5.76
CA VAL A 3 3.19 19.16 -6.31
C VAL A 3 1.71 19.39 -6.04
N THR A 4 1.39 20.62 -5.68
CA THR A 4 0.01 21.02 -5.43
C THR A 4 -0.61 21.64 -6.66
N THR A 5 -1.76 21.17 -7.12
CA THR A 5 -2.35 21.73 -8.33
C THR A 5 -3.24 22.93 -7.98
N SER A 6 -3.83 23.55 -8.99
CA SER A 6 -4.64 24.76 -8.74
C SER A 6 -5.80 24.53 -7.81
N ASP A 7 -6.50 23.39 -7.91
CA ASP A 7 -7.58 23.12 -6.96
C ASP A 7 -7.08 22.59 -5.64
N GLY A 8 -5.80 22.61 -5.29
CA GLY A 8 -5.31 22.06 -4.03
C GLY A 8 -5.09 20.55 -4.03
N THR A 9 -5.14 19.85 -5.17
CA THR A 9 -4.88 18.41 -5.16
C THR A 9 -3.39 18.14 -5.08
N ASN A 10 -2.92 17.25 -4.21
CA ASN A 10 -1.50 16.91 -4.17
C ASN A 10 -1.25 15.69 -5.08
N ILE A 11 -0.25 15.84 -5.93
CA ILE A 11 0.18 14.86 -6.91
C ILE A 11 1.53 14.30 -6.50
N PHE A 12 1.63 13.00 -6.36
CA PHE A 12 2.88 12.36 -5.99
C PHE A 12 3.73 12.17 -7.24
N TYR A 13 5.04 12.34 -7.18
CA TYR A 13 5.88 12.07 -8.36
C TYR A 13 7.25 11.55 -7.90
N LYS A 14 7.93 10.85 -8.77
CA LYS A 14 9.29 10.38 -8.55
C LYS A 14 10.23 11.18 -9.47
N ASP A 15 11.46 11.43 -9.08
CA ASP A 15 12.37 12.20 -9.96
C ASP A 15 13.76 11.64 -9.72
N TRP A 16 14.23 10.73 -10.54
CA TRP A 16 15.50 10.05 -10.25
C TRP A 16 16.52 10.40 -11.34
N GLY A 17 17.81 10.26 -11.04
CA GLY A 17 18.84 10.44 -12.09
C GLY A 17 19.48 11.83 -11.94
N PRO A 18 20.40 12.13 -12.85
CA PRO A 18 21.13 13.40 -12.78
C PRO A 18 20.19 14.58 -12.85
N ARG A 19 20.42 15.60 -12.05
CA ARG A 19 19.64 16.82 -12.07
C ARG A 19 19.75 17.60 -13.37
N ASP A 20 20.83 17.42 -14.11
CA ASP A 20 21.07 18.06 -15.40
C ASP A 20 20.90 17.10 -16.57
N GLY A 21 20.39 15.89 -16.36
CA GLY A 21 20.17 14.97 -17.49
C GLY A 21 18.92 15.40 -18.27
N LEU A 22 18.82 14.93 -19.49
CA LEU A 22 17.63 15.16 -20.30
C LEU A 22 16.47 14.42 -19.59
N PRO A 23 15.38 15.11 -19.38
CA PRO A 23 14.23 14.56 -18.68
C PRO A 23 13.32 13.78 -19.61
N VAL A 24 12.99 12.59 -19.13
CA VAL A 24 12.08 11.67 -19.78
C VAL A 24 10.97 11.46 -18.74
N VAL A 25 9.74 11.78 -19.11
CA VAL A 25 8.63 11.77 -18.20
C VAL A 25 7.64 10.69 -18.62
N PHE A 26 7.23 9.84 -17.68
CA PHE A 26 6.40 8.67 -17.99
C PHE A 26 5.00 8.82 -17.43
N HIS A 27 4.00 8.53 -18.29
CA HIS A 27 2.60 8.74 -17.97
C HIS A 27 1.89 7.38 -17.97
N HIS A 28 1.53 6.87 -16.79
CA HIS A 28 0.95 5.50 -16.66
C HIS A 28 -0.47 5.36 -17.16
N GLY A 29 -0.88 4.10 -17.44
CA GLY A 29 -2.29 3.95 -17.90
C GLY A 29 -3.24 3.74 -16.76
N TRP A 30 -4.49 3.47 -17.13
CA TRP A 30 -5.56 3.20 -16.17
C TRP A 30 -5.49 1.69 -15.82
N PRO A 31 -5.78 1.34 -14.58
CA PRO A 31 -6.01 2.23 -13.44
C PRO A 31 -4.75 2.13 -12.56
N LEU A 32 -3.55 2.40 -13.09
CA LEU A 32 -2.31 2.13 -12.39
C LEU A 32 -1.67 3.29 -11.66
N SER A 33 -0.33 3.36 -11.65
CA SER A 33 0.40 4.36 -10.93
C SER A 33 1.78 4.56 -11.59
N ALA A 34 2.62 5.43 -11.08
CA ALA A 34 3.95 5.64 -11.54
C ALA A 34 4.80 4.38 -11.32
N ASP A 35 4.39 3.47 -10.43
CA ASP A 35 5.15 2.23 -10.21
C ASP A 35 5.07 1.27 -11.38
N ASP A 36 4.13 1.43 -12.33
CA ASP A 36 4.09 0.58 -13.52
C ASP A 36 5.33 0.77 -14.39
N TRP A 37 6.13 1.82 -14.23
CA TRP A 37 7.28 2.11 -15.08
C TRP A 37 8.60 1.61 -14.54
N ASP A 38 8.62 0.88 -13.43
CA ASP A 38 9.87 0.42 -12.82
C ASP A 38 10.94 0.03 -13.86
N ASN A 39 10.62 -0.91 -14.74
CA ASN A 39 11.59 -1.42 -15.70
C ASN A 39 12.21 -0.32 -16.57
N GLN A 40 11.35 0.51 -17.18
CA GLN A 40 11.76 1.59 -18.07
C GLN A 40 12.46 2.66 -17.26
N MET A 41 12.05 2.88 -16.00
CA MET A 41 12.78 3.89 -15.23
C MET A 41 14.21 3.48 -14.96
N LEU A 42 14.45 2.20 -14.61
CA LEU A 42 15.81 1.76 -14.40
C LEU A 42 16.62 1.71 -15.71
N PHE A 43 15.95 1.31 -16.78
CA PHE A 43 16.66 1.21 -18.10
C PHE A 43 17.16 2.57 -18.57
N PHE A 44 16.32 3.59 -18.51
CA PHE A 44 16.70 4.95 -18.89
C PHE A 44 17.73 5.58 -17.99
N LEU A 45 17.60 5.37 -16.69
CA LEU A 45 18.58 5.77 -15.70
C LEU A 45 19.96 5.22 -16.04
N SER A 46 20.01 3.95 -16.43
CA SER A 46 21.27 3.33 -16.78
C SER A 46 21.89 3.99 -18.03
N HIS A 47 21.12 4.71 -18.84
CA HIS A 47 21.64 5.37 -20.02
C HIS A 47 21.84 6.86 -19.76
N GLY A 48 21.81 7.23 -18.48
CA GLY A 48 22.09 8.57 -18.03
C GLY A 48 20.98 9.58 -18.12
N TYR A 49 19.72 9.16 -18.23
CA TYR A 49 18.62 10.15 -18.29
C TYR A 49 18.06 10.43 -16.91
N ARG A 50 17.42 11.59 -16.77
CA ARG A 50 16.66 11.97 -15.60
C ARG A 50 15.26 11.39 -15.85
N VAL A 51 14.71 10.67 -14.86
CA VAL A 51 13.45 9.95 -15.13
C VAL A 51 12.42 10.39 -14.11
N ILE A 52 11.29 10.86 -14.70
CA ILE A 52 10.20 11.40 -13.88
C ILE A 52 8.92 10.64 -14.15
N ALA A 53 8.12 10.42 -13.09
CA ALA A 53 6.83 9.72 -13.28
C ALA A 53 5.92 10.13 -12.14
N HIS A 54 4.68 10.51 -12.43
CA HIS A 54 3.78 10.93 -11.41
C HIS A 54 2.63 9.91 -11.30
N ASP A 55 1.95 9.93 -10.15
CA ASP A 55 0.66 9.23 -10.02
C ASP A 55 -0.44 10.20 -10.44
N ARG A 56 -1.26 9.80 -11.41
CA ARG A 56 -2.43 10.60 -11.76
C ARG A 56 -3.33 10.81 -10.57
N ARG A 57 -4.03 11.95 -10.52
CA ARG A 57 -4.92 12.25 -9.41
C ARG A 57 -5.91 11.08 -9.24
N GLY A 58 -6.13 10.75 -7.98
CA GLY A 58 -6.98 9.62 -7.66
C GLY A 58 -6.32 8.26 -7.90
N HIS A 59 -5.01 8.21 -8.11
CA HIS A 59 -4.31 6.99 -8.39
C HIS A 59 -3.09 6.93 -7.47
N GLY A 60 -2.63 5.70 -7.25
CA GLY A 60 -1.43 5.49 -6.44
C GLY A 60 -1.45 6.23 -5.12
N ARG A 61 -0.43 7.08 -4.93
CA ARG A 61 -0.25 7.86 -3.71
C ARG A 61 -0.74 9.30 -3.85
N SER A 62 -1.29 9.69 -4.99
CA SER A 62 -1.84 11.05 -5.12
C SER A 62 -3.13 11.17 -4.31
N ASP A 63 -3.62 12.37 -4.09
CA ASP A 63 -4.85 12.60 -3.36
C ASP A 63 -6.01 11.97 -4.11
N GLN A 64 -7.17 11.80 -3.48
CA GLN A 64 -8.33 11.24 -4.18
C GLN A 64 -9.46 12.29 -4.06
N PRO A 65 -9.41 13.32 -4.89
CA PRO A 65 -10.38 14.40 -4.86
C PRO A 65 -11.71 13.97 -5.41
N SER A 66 -12.74 14.79 -5.16
CA SER A 66 -14.07 14.47 -5.60
C SER A 66 -14.24 14.66 -7.10
N THR A 67 -13.51 15.65 -7.63
CA THR A 67 -13.68 16.04 -9.02
C THR A 67 -12.35 16.15 -9.77
N GLY A 68 -12.49 16.42 -11.08
CA GLY A 68 -11.35 16.61 -11.95
C GLY A 68 -10.92 15.31 -12.59
N HIS A 69 -11.83 14.33 -12.69
CA HIS A 69 -11.46 13.09 -13.38
C HIS A 69 -11.67 13.22 -14.89
N ASP A 70 -10.92 14.06 -15.61
CA ASP A 70 -11.12 14.31 -17.03
C ASP A 70 -9.76 14.69 -17.66
N MET A 71 -9.67 14.58 -18.97
CA MET A 71 -8.42 14.82 -19.69
C MET A 71 -7.90 16.23 -19.57
N ASP A 72 -8.80 17.24 -19.59
CA ASP A 72 -8.33 18.60 -19.46
C ASP A 72 -7.66 18.79 -18.10
N THR A 73 -8.26 18.32 -17.02
CA THR A 73 -7.60 18.43 -15.71
C THR A 73 -6.35 17.59 -15.66
N TYR A 74 -6.36 16.38 -16.25
CA TYR A 74 -5.14 15.55 -16.20
C TYR A 74 -3.99 16.30 -16.87
N ALA A 75 -4.28 16.92 -18.05
CA ALA A 75 -3.18 17.64 -18.73
C ALA A 75 -2.78 18.89 -17.94
N ALA A 76 -3.68 19.52 -17.21
CA ALA A 76 -3.30 20.71 -16.42
C ALA A 76 -2.48 20.32 -15.20
N ASP A 77 -2.79 19.11 -14.67
CA ASP A 77 -1.99 18.61 -13.53
C ASP A 77 -0.59 18.34 -14.06
N VAL A 78 -0.39 17.82 -15.26
CA VAL A 78 0.93 17.61 -15.83
C VAL A 78 1.69 18.96 -15.96
N ALA A 79 0.96 19.98 -16.44
CA ALA A 79 1.59 21.33 -16.56
C ALA A 79 1.99 21.81 -15.21
N ALA A 80 1.21 21.62 -14.16
CA ALA A 80 1.57 22.03 -12.82
C ALA A 80 2.90 21.37 -12.43
N LEU A 81 3.12 20.09 -12.67
CA LEU A 81 4.37 19.42 -12.35
C LEU A 81 5.55 19.89 -13.19
N THR A 82 5.37 20.06 -14.49
CA THR A 82 6.51 20.45 -15.32
C THR A 82 6.94 21.91 -15.07
N GLU A 83 6.01 22.71 -14.59
CA GLU A 83 6.31 24.09 -14.20
C GLU A 83 7.02 24.09 -12.85
N ALA A 84 6.55 23.32 -11.87
CA ALA A 84 7.28 23.22 -10.60
C ALA A 84 8.69 22.71 -10.78
N LEU A 85 9.02 21.85 -11.74
CA LEU A 85 10.35 21.33 -11.93
C LEU A 85 11.11 22.16 -12.98
N ASP A 86 10.40 22.98 -13.69
CA ASP A 86 10.92 23.78 -14.81
C ASP A 86 11.59 22.94 -15.86
N LEU A 87 10.83 21.95 -16.39
CA LEU A 87 11.47 21.08 -17.37
C LEU A 87 11.54 21.77 -18.73
N ARG A 88 12.57 21.51 -19.46
CA ARG A 88 12.73 22.03 -20.82
C ARG A 88 13.22 20.91 -21.71
N GLY A 89 12.77 20.79 -22.95
CA GLY A 89 13.23 19.80 -23.87
C GLY A 89 12.95 18.36 -23.41
N ALA A 90 11.85 18.18 -22.69
CA ALA A 90 11.54 16.86 -22.12
C ALA A 90 10.98 15.91 -23.12
N VAL A 91 11.18 14.59 -22.92
CA VAL A 91 10.51 13.61 -23.76
C VAL A 91 9.35 13.00 -22.96
N HIS A 92 8.14 12.98 -23.45
CA HIS A 92 6.98 12.47 -22.72
C HIS A 92 6.58 11.12 -23.29
N ILE A 93 6.51 10.09 -22.43
CA ILE A 93 6.13 8.73 -22.91
C ILE A 93 4.84 8.34 -22.23
N GLY A 94 3.80 8.03 -22.98
CA GLY A 94 2.50 7.76 -22.30
C GLY A 94 2.03 6.37 -22.78
N HIS A 95 1.49 5.62 -21.81
CA HIS A 95 0.97 4.29 -22.14
C HIS A 95 -0.53 4.32 -21.87
N SER A 96 -1.22 3.75 -22.85
CA SER A 96 -2.67 3.56 -22.77
C SER A 96 -3.39 4.85 -22.51
N THR A 97 -4.17 4.99 -21.45
CA THR A 97 -4.78 6.28 -21.06
C THR A 97 -3.74 7.37 -20.89
N GLY A 98 -2.50 7.02 -20.46
CA GLY A 98 -1.46 8.04 -20.32
C GLY A 98 -1.09 8.61 -21.71
N GLY A 99 -1.32 7.84 -22.77
CA GLY A 99 -1.04 8.34 -24.12
C GLY A 99 -2.05 9.44 -24.47
N GLY A 100 -3.27 9.39 -23.97
CA GLY A 100 -4.24 10.45 -24.19
C GLY A 100 -3.85 11.70 -23.44
N GLU A 101 -3.42 11.53 -22.16
CA GLU A 101 -2.94 12.64 -21.35
C GLU A 101 -1.75 13.31 -22.02
N VAL A 102 -0.82 12.53 -22.55
CA VAL A 102 0.35 13.08 -23.24
C VAL A 102 -0.14 13.90 -24.46
N ALA A 103 -1.01 13.34 -25.28
CA ALA A 103 -1.44 14.10 -26.48
C ALA A 103 -2.04 15.46 -26.11
N ARG A 104 -2.92 15.55 -25.12
CA ARG A 104 -3.52 16.80 -24.69
C ARG A 104 -2.53 17.73 -24.01
N TYR A 105 -1.61 17.26 -23.16
CA TYR A 105 -0.63 18.13 -22.56
C TYR A 105 0.32 18.72 -23.60
N VAL A 106 0.84 17.90 -24.49
CA VAL A 106 1.82 18.29 -25.49
C VAL A 106 1.19 19.32 -26.43
N ALA A 107 -0.05 19.15 -26.81
CA ALA A 107 -0.72 20.13 -27.69
C ALA A 107 -0.84 21.49 -27.04
N ARG A 108 -0.95 21.60 -25.73
CA ARG A 108 -1.12 22.85 -25.02
C ARG A 108 0.11 23.35 -24.26
N ALA A 109 1.22 22.64 -24.35
CA ALA A 109 2.34 22.96 -23.48
C ALA A 109 3.00 24.28 -23.92
N GLU A 110 3.59 24.98 -22.96
CA GLU A 110 4.36 26.18 -23.26
C GLU A 110 5.47 25.73 -24.20
N PRO A 111 5.74 26.45 -25.26
CA PRO A 111 6.79 26.05 -26.21
C PRO A 111 8.14 25.94 -25.48
N GLY A 112 8.98 24.97 -25.84
CA GLY A 112 10.27 24.70 -25.21
C GLY A 112 10.23 23.65 -24.08
N ARG A 113 9.07 23.42 -23.50
CA ARG A 113 8.93 22.43 -22.46
C ARG A 113 9.03 21.00 -23.01
N VAL A 114 8.57 20.76 -24.24
CA VAL A 114 8.58 19.41 -24.79
C VAL A 114 9.42 19.30 -26.05
N ALA A 115 10.24 18.25 -26.13
CA ALA A 115 11.03 18.02 -27.32
C ALA A 115 10.41 16.96 -28.21
N LYS A 116 9.93 15.83 -27.63
CA LYS A 116 9.44 14.71 -28.41
C LYS A 116 8.36 14.01 -27.54
N ALA A 117 7.54 13.20 -28.17
CA ALA A 117 6.52 12.47 -27.39
C ALA A 117 6.38 11.07 -27.92
N VAL A 118 5.94 10.11 -27.07
CA VAL A 118 5.83 8.71 -27.49
C VAL A 118 4.44 8.27 -27.01
N LEU A 119 3.60 7.73 -27.85
CA LEU A 119 2.31 7.17 -27.54
C LEU A 119 2.36 5.64 -27.69
N VAL A 120 2.39 4.92 -26.59
CA VAL A 120 2.46 3.46 -26.59
C VAL A 120 1.10 2.86 -26.26
N SER A 121 0.57 2.00 -27.14
CA SER A 121 -0.70 1.36 -26.89
C SER A 121 -1.74 2.38 -26.49
N ALA A 122 -1.72 3.58 -27.11
CA ALA A 122 -2.48 4.70 -26.61
C ALA A 122 -3.87 4.81 -27.16
N VAL A 123 -4.75 5.46 -26.38
CA VAL A 123 -6.14 5.60 -26.74
C VAL A 123 -6.51 6.45 -27.95
N PRO A 124 -5.79 7.52 -28.30
CA PRO A 124 -6.14 8.32 -29.47
C PRO A 124 -6.22 7.53 -30.75
N PRO A 125 -6.98 8.08 -31.71
CA PRO A 125 -7.74 9.30 -31.60
C PRO A 125 -8.97 9.35 -30.71
N VAL A 126 -9.82 8.34 -30.82
CA VAL A 126 -11.04 8.19 -30.05
C VAL A 126 -11.46 6.70 -30.05
N MET A 127 -11.84 6.20 -28.88
CA MET A 127 -12.16 4.76 -28.82
C MET A 127 -13.62 4.44 -29.12
N VAL A 128 -14.54 5.17 -28.54
CA VAL A 128 -15.94 4.78 -28.63
C VAL A 128 -16.52 5.01 -30.02
N LYS A 129 -17.50 4.16 -30.33
CA LYS A 129 -18.29 4.29 -31.54
C LYS A 129 -19.14 5.55 -31.44
N SER A 130 -19.13 6.35 -32.50
CA SER A 130 -19.90 7.58 -32.61
C SER A 130 -20.18 7.86 -34.09
N ASP A 131 -20.77 9.02 -34.36
CA ASP A 131 -21.08 9.45 -35.71
C ASP A 131 -19.79 9.68 -36.52
N THR A 132 -18.75 10.09 -35.81
CA THR A 132 -17.46 10.34 -36.45
C THR A 132 -16.52 9.16 -36.35
N ASN A 133 -16.90 8.07 -35.68
CA ASN A 133 -16.04 6.89 -35.54
C ASN A 133 -16.81 5.58 -35.52
N PRO A 134 -17.23 5.08 -36.68
CA PRO A 134 -17.99 3.85 -36.84
C PRO A 134 -17.25 2.55 -36.57
N ASP A 135 -15.93 2.53 -36.66
CA ASP A 135 -15.17 1.31 -36.37
C ASP A 135 -14.85 1.20 -34.88
N GLY A 136 -15.21 2.20 -34.08
CA GLY A 136 -14.95 2.20 -32.64
C GLY A 136 -15.64 1.06 -31.90
N LEU A 137 -15.41 0.98 -30.58
CA LEU A 137 -16.04 -0.03 -29.73
C LEU A 137 -17.36 0.53 -29.23
N PRO A 138 -18.39 -0.31 -29.13
CA PRO A 138 -19.68 0.13 -28.64
C PRO A 138 -19.58 0.55 -27.19
N LEU A 139 -20.44 1.46 -26.78
CA LEU A 139 -20.50 1.99 -25.44
C LEU A 139 -20.71 0.92 -24.38
N GLU A 140 -21.47 -0.11 -24.74
CA GLU A 140 -21.77 -1.23 -23.88
C GLU A 140 -20.51 -1.95 -23.40
N VAL A 141 -19.44 -1.99 -24.18
CA VAL A 141 -18.19 -2.55 -23.71
C VAL A 141 -17.76 -1.77 -22.45
N PHE A 142 -17.89 -0.45 -22.47
CA PHE A 142 -17.44 0.41 -21.39
C PHE A 142 -18.43 0.39 -20.23
N ASP A 143 -19.71 0.20 -20.51
CA ASP A 143 -20.72 0.09 -19.48
C ASP A 143 -20.46 -1.19 -18.67
N GLU A 144 -20.05 -2.27 -19.28
CA GLU A 144 -19.65 -3.48 -18.53
C GLU A 144 -18.47 -3.27 -17.59
N PHE A 145 -17.40 -2.60 -18.02
CA PHE A 145 -16.30 -2.25 -17.13
C PHE A 145 -16.79 -1.43 -15.94
N ARG A 146 -17.54 -0.36 -16.22
CA ARG A 146 -18.15 0.42 -15.16
C ARG A 146 -18.92 -0.47 -14.17
N ALA A 147 -19.80 -1.33 -14.69
CA ALA A 147 -20.61 -2.13 -13.76
C ALA A 147 -19.79 -3.15 -12.98
N ALA A 148 -18.82 -3.81 -13.62
CA ALA A 148 -17.97 -4.74 -12.87
C ALA A 148 -17.14 -4.02 -11.81
N LEU A 149 -16.61 -2.83 -12.16
CA LEU A 149 -15.78 -2.05 -11.25
C LEU A 149 -16.60 -1.67 -10.02
N ALA A 150 -17.78 -1.11 -10.24
CA ALA A 150 -18.65 -0.72 -9.15
C ALA A 150 -19.11 -1.93 -8.32
N ALA A 151 -19.38 -3.07 -8.91
CA ALA A 151 -19.90 -4.21 -8.13
C ALA A 151 -18.83 -4.86 -7.22
N ASN A 152 -17.62 -5.09 -7.71
CA ASN A 152 -16.58 -5.75 -6.92
C ASN A 152 -15.26 -5.37 -7.55
N ARG A 153 -14.76 -4.17 -7.17
CA ARG A 153 -13.53 -3.68 -7.81
C ARG A 153 -12.38 -4.64 -7.56
N ALA A 154 -12.25 -5.13 -6.30
CA ALA A 154 -11.15 -6.07 -6.00
C ALA A 154 -11.12 -7.29 -6.89
N GLN A 155 -12.21 -7.87 -7.33
CA GLN A 155 -12.22 -9.04 -8.20
C GLN A 155 -12.05 -8.65 -9.67
N PHE A 156 -12.66 -7.50 -10.04
CA PHE A 156 -12.51 -7.02 -11.43
C PHE A 156 -11.04 -6.74 -11.70
N TYR A 157 -10.27 -6.31 -10.64
CA TYR A 157 -8.85 -5.97 -10.87
C TYR A 157 -7.97 -7.19 -10.79
N ILE A 158 -8.51 -8.40 -10.54
CA ILE A 158 -7.79 -9.65 -10.78
C ILE A 158 -8.13 -10.09 -12.25
N ASP A 159 -9.40 -9.97 -12.58
CA ASP A 159 -9.88 -10.39 -13.91
C ASP A 159 -9.20 -9.70 -15.08
N VAL A 160 -9.02 -8.36 -15.05
CA VAL A 160 -8.39 -7.71 -16.19
C VAL A 160 -6.98 -8.09 -16.52
N PRO A 161 -6.01 -8.04 -15.56
CA PRO A 161 -4.64 -8.43 -15.78
C PRO A 161 -4.48 -9.93 -15.96
N SER A 162 -5.35 -10.78 -15.45
CA SER A 162 -5.27 -12.23 -15.65
C SER A 162 -5.71 -12.57 -17.08
N GLY A 163 -6.52 -11.73 -17.71
CA GLY A 163 -7.08 -12.02 -19.01
C GLY A 163 -6.52 -11.19 -20.16
N PRO A 164 -7.20 -10.12 -20.48
CA PRO A 164 -6.83 -9.34 -21.66
C PRO A 164 -5.65 -8.40 -21.56
N PHE A 165 -5.37 -7.80 -20.40
CA PHE A 165 -4.31 -6.76 -20.40
C PHE A 165 -2.98 -7.17 -20.92
N TYR A 166 -2.43 -8.34 -20.50
CA TYR A 166 -1.11 -8.77 -20.79
C TYR A 166 -1.13 -9.95 -21.76
N GLY A 167 -2.29 -10.25 -22.31
CA GLY A 167 -2.39 -11.38 -23.26
C GLY A 167 -2.13 -12.70 -22.59
N PHE A 168 -2.28 -12.84 -21.25
CA PHE A 168 -2.00 -14.15 -20.64
C PHE A 168 -3.14 -15.13 -20.94
N ASN A 169 -4.23 -14.73 -21.56
CA ASN A 169 -5.28 -15.63 -21.98
C ASN A 169 -4.95 -16.21 -23.37
N ARG A 170 -3.83 -15.92 -23.99
CA ARG A 170 -3.44 -16.48 -25.26
C ARG A 170 -2.64 -17.76 -25.02
N GLU A 171 -2.88 -18.76 -25.89
CA GLU A 171 -2.13 -20.02 -25.79
C GLU A 171 -0.65 -19.77 -26.00
N GLY A 172 0.16 -20.38 -25.16
CA GLY A 172 1.62 -20.26 -25.29
C GLY A 172 2.24 -19.01 -24.70
N ALA A 173 1.44 -18.13 -24.09
CA ALA A 173 2.05 -16.93 -23.51
C ALA A 173 2.81 -17.31 -22.26
N THR A 174 3.81 -16.53 -21.91
CA THR A 174 4.51 -16.65 -20.66
C THR A 174 3.71 -15.88 -19.61
N VAL A 175 3.19 -16.54 -18.59
CA VAL A 175 2.40 -15.85 -17.58
C VAL A 175 3.27 -15.46 -16.39
N SER A 176 3.17 -14.21 -15.93
CA SER A 176 3.96 -13.89 -14.72
C SER A 176 2.96 -13.55 -13.64
N GLN A 177 2.86 -14.31 -12.56
CA GLN A 177 1.92 -13.98 -11.48
C GLN A 177 2.32 -12.60 -10.91
N GLY A 178 3.61 -12.29 -10.91
CA GLY A 178 4.05 -10.99 -10.39
C GLY A 178 3.39 -9.82 -11.08
N LEU A 179 3.28 -9.90 -12.42
CA LEU A 179 2.68 -8.79 -13.19
C LEU A 179 1.21 -8.68 -12.82
N ILE A 180 0.52 -9.80 -12.72
CA ILE A 180 -0.88 -9.77 -12.27
C ILE A 180 -1.07 -9.11 -10.91
N ASP A 181 -0.31 -9.59 -9.91
CA ASP A 181 -0.45 -9.09 -8.56
C ASP A 181 -0.03 -7.61 -8.46
N HIS A 182 0.99 -7.21 -9.18
CA HIS A 182 1.37 -5.78 -9.13
C HIS A 182 0.30 -4.90 -9.77
N TRP A 183 -0.34 -5.35 -10.83
CA TRP A 183 -1.40 -4.54 -11.46
C TRP A 183 -2.51 -4.31 -10.45
N TRP A 184 -2.90 -5.42 -9.83
CA TRP A 184 -3.97 -5.41 -8.81
C TRP A 184 -3.62 -4.44 -7.67
N LEU A 185 -2.40 -4.50 -7.18
CA LEU A 185 -2.04 -3.67 -6.02
C LEU A 185 -2.11 -2.19 -6.40
N GLN A 186 -1.55 -1.85 -7.57
CA GLN A 186 -1.55 -0.45 -7.99
C GLN A 186 -2.99 0.02 -8.17
N GLY A 187 -3.83 -0.81 -8.74
CA GLY A 187 -5.22 -0.47 -8.90
C GLY A 187 -5.93 -0.26 -7.58
N MET A 188 -5.72 -1.16 -6.64
CA MET A 188 -6.47 -1.11 -5.36
C MET A 188 -5.97 0.08 -4.53
N MET A 189 -4.73 0.55 -4.75
CA MET A 189 -4.30 1.78 -4.06
C MET A 189 -5.07 3.03 -4.47
N GLY A 190 -5.44 3.11 -5.75
CA GLY A 190 -6.16 4.28 -6.20
C GLY A 190 -7.63 4.30 -5.79
N ALA A 191 -8.29 5.41 -6.10
CA ALA A 191 -9.66 5.68 -5.67
C ALA A 191 -10.70 5.10 -6.59
N ALA A 192 -11.74 4.53 -5.97
CA ALA A 192 -12.79 3.94 -6.84
C ALA A 192 -13.54 4.95 -7.70
N ASN A 193 -13.76 6.16 -7.19
CA ASN A 193 -14.49 7.16 -8.03
C ASN A 193 -13.61 7.63 -9.19
N ALA A 194 -12.34 7.91 -8.92
CA ALA A 194 -11.44 8.27 -10.06
C ALA A 194 -11.39 7.21 -11.13
N HIS A 195 -11.19 5.92 -10.68
CA HIS A 195 -11.11 4.86 -11.69
C HIS A 195 -12.43 4.75 -12.45
N TYR A 196 -13.55 4.86 -11.78
CA TYR A 196 -14.85 4.72 -12.43
C TYR A 196 -15.05 5.82 -13.50
N GLU A 197 -14.83 7.10 -13.12
CA GLU A 197 -14.99 8.24 -14.00
C GLU A 197 -14.01 8.29 -15.15
N CYS A 198 -12.79 7.78 -14.93
CA CYS A 198 -11.78 7.73 -15.93
C CYS A 198 -12.17 6.89 -17.13
N ILE A 199 -13.03 5.89 -16.92
CA ILE A 199 -13.39 5.04 -18.07
C ILE A 199 -14.05 5.95 -19.14
N ALA A 200 -14.95 6.82 -18.71
CA ALA A 200 -15.51 7.70 -19.78
C ALA A 200 -14.43 8.62 -20.35
N ALA A 201 -13.52 9.11 -19.50
CA ALA A 201 -12.50 10.06 -19.97
C ALA A 201 -11.61 9.41 -20.97
N PHE A 202 -11.14 8.15 -20.78
CA PHE A 202 -10.24 7.59 -21.77
C PHE A 202 -10.98 7.10 -23.02
N SER A 203 -12.22 6.66 -22.90
CA SER A 203 -12.85 6.02 -24.05
C SER A 203 -13.75 6.95 -24.89
N GLU A 204 -14.26 8.04 -24.37
CA GLU A 204 -15.10 8.96 -25.09
C GLU A 204 -14.43 10.29 -25.45
N THR A 205 -13.29 10.62 -24.88
CA THR A 205 -12.67 11.88 -25.28
C THR A 205 -12.13 11.73 -26.70
N ASP A 206 -12.37 12.73 -27.53
CA ASP A 206 -11.83 12.71 -28.90
C ASP A 206 -10.54 13.50 -28.91
N PHE A 207 -9.40 12.89 -29.25
CA PHE A 207 -8.14 13.64 -29.21
C PHE A 207 -7.76 14.13 -30.61
N THR A 208 -8.63 13.97 -31.61
CA THR A 208 -8.31 14.34 -32.98
C THR A 208 -7.70 15.72 -33.10
N ASP A 209 -8.32 16.72 -32.48
CA ASP A 209 -7.82 18.09 -32.51
C ASP A 209 -6.48 18.28 -31.84
N ASP A 210 -6.24 17.57 -30.71
CA ASP A 210 -4.95 17.69 -30.05
C ASP A 210 -3.84 17.21 -30.99
N LEU A 211 -4.10 16.02 -31.57
CA LEU A 211 -3.13 15.42 -32.47
C LEU A 211 -2.74 16.29 -33.64
N LYS A 212 -3.70 17.06 -34.17
CA LYS A 212 -3.42 17.97 -35.28
C LYS A 212 -2.59 19.16 -34.83
N ARG A 213 -2.59 19.47 -33.55
CA ARG A 213 -1.83 20.56 -32.99
C ARG A 213 -0.39 20.21 -32.63
N ILE A 214 -0.03 18.94 -32.57
CA ILE A 214 1.31 18.62 -32.12
C ILE A 214 2.35 18.82 -33.23
N ASP A 215 3.41 19.56 -32.99
CA ASP A 215 4.42 19.68 -34.04
C ASP A 215 5.72 18.95 -33.72
N VAL A 216 6.02 18.58 -32.48
CA VAL A 216 7.28 17.83 -32.28
C VAL A 216 7.16 16.43 -32.86
N PRO A 217 8.26 15.71 -33.01
CA PRO A 217 8.29 14.34 -33.44
C PRO A 217 7.61 13.44 -32.38
N VAL A 218 6.83 12.51 -32.91
CA VAL A 218 6.02 11.60 -32.11
C VAL A 218 6.22 10.19 -32.63
N LEU A 219 6.59 9.32 -31.69
CA LEU A 219 6.69 7.88 -31.97
C LEU A 219 5.40 7.21 -31.57
N VAL A 220 4.71 6.48 -32.42
CA VAL A 220 3.44 5.83 -32.12
C VAL A 220 3.68 4.33 -32.13
N ALA A 221 3.64 3.66 -30.97
CA ALA A 221 4.00 2.22 -30.90
C ALA A 221 2.76 1.44 -30.50
N HIS A 222 2.54 0.22 -30.98
CA HIS A 222 1.32 -0.49 -30.60
C HIS A 222 1.40 -1.97 -30.94
N GLY A 223 0.87 -2.81 -30.07
CA GLY A 223 0.97 -4.27 -30.36
C GLY A 223 -0.23 -4.64 -31.22
N THR A 224 -0.04 -5.53 -32.19
CA THR A 224 -1.18 -5.89 -33.06
C THR A 224 -2.11 -6.87 -32.38
N ASP A 225 -1.78 -7.47 -31.21
CA ASP A 225 -2.81 -8.31 -30.59
C ASP A 225 -3.32 -7.63 -29.32
N ASP A 226 -3.47 -6.31 -29.33
CA ASP A 226 -3.92 -5.50 -28.23
C ASP A 226 -5.39 -5.74 -27.98
N GLN A 227 -5.73 -6.34 -26.83
CA GLN A 227 -7.11 -6.64 -26.55
C GLN A 227 -7.82 -5.57 -25.76
N VAL A 228 -7.17 -4.45 -25.42
CA VAL A 228 -7.79 -3.40 -24.65
C VAL A 228 -8.06 -2.17 -25.51
N VAL A 229 -7.02 -1.71 -26.24
CA VAL A 229 -7.12 -0.61 -27.18
C VAL A 229 -6.80 -1.18 -28.55
N PRO A 230 -7.86 -1.48 -29.31
CA PRO A 230 -7.73 -2.15 -30.60
C PRO A 230 -6.80 -1.46 -31.56
N TYR A 231 -5.86 -2.20 -32.09
CA TYR A 231 -4.80 -1.67 -32.90
C TYR A 231 -5.23 -0.82 -34.10
N ALA A 232 -6.14 -1.35 -34.92
CA ALA A 232 -6.53 -0.71 -36.17
C ALA A 232 -7.26 0.61 -36.00
N ASP A 233 -8.01 0.87 -34.97
CA ASP A 233 -8.70 2.11 -34.66
C ASP A 233 -7.81 3.08 -33.87
N ALA A 234 -6.57 2.72 -33.55
CA ALA A 234 -5.77 3.65 -32.78
C ALA A 234 -4.51 4.10 -33.52
N ALA A 235 -3.50 3.30 -33.55
CA ALA A 235 -2.16 3.61 -33.96
C ALA A 235 -2.00 4.13 -35.39
N PRO A 236 -2.46 3.42 -36.40
CA PRO A 236 -2.37 3.95 -37.78
C PRO A 236 -3.19 5.21 -37.90
N LYS A 237 -4.31 5.40 -37.23
CA LYS A 237 -5.06 6.64 -37.34
C LYS A 237 -4.37 7.82 -36.67
N SER A 238 -3.76 7.55 -35.51
CA SER A 238 -3.00 8.59 -34.84
C SER A 238 -1.87 9.07 -35.74
N ALA A 239 -1.12 8.12 -36.29
CA ALA A 239 0.03 8.45 -37.10
C ALA A 239 -0.33 9.27 -38.35
N GLU A 240 -1.50 9.02 -38.94
CA GLU A 240 -1.94 9.78 -40.10
C GLU A 240 -2.31 11.21 -39.74
N LEU A 241 -2.79 11.47 -38.53
CA LEU A 241 -3.14 12.82 -38.13
C LEU A 241 -1.98 13.67 -37.64
N LEU A 242 -0.90 13.07 -37.16
CA LEU A 242 0.24 13.78 -36.61
C LEU A 242 1.15 14.22 -37.76
N ALA A 243 1.64 15.43 -37.68
CA ALA A 243 2.53 16.02 -38.67
C ALA A 243 3.83 15.27 -38.79
N ASN A 244 4.54 15.03 -37.69
CA ASN A 244 5.80 14.27 -37.74
C ASN A 244 5.72 12.99 -36.93
N ALA A 245 5.05 11.94 -37.41
CA ALA A 245 4.99 10.73 -36.58
C ALA A 245 5.78 9.58 -37.16
N THR A 246 6.26 8.67 -36.36
CA THR A 246 6.89 7.41 -36.77
C THR A 246 6.02 6.28 -36.19
N LEU A 247 5.60 5.35 -36.99
CA LEU A 247 4.70 4.28 -36.57
C LEU A 247 5.47 2.98 -36.40
N LYS A 248 5.41 2.39 -35.21
CA LYS A 248 6.06 1.11 -34.96
C LYS A 248 4.98 0.12 -34.52
N SER A 249 4.89 -0.97 -35.25
CA SER A 249 3.93 -2.03 -35.05
C SER A 249 4.61 -3.27 -34.47
N TYR A 250 4.04 -3.90 -33.44
CA TYR A 250 4.77 -5.06 -32.88
C TYR A 250 3.87 -6.28 -33.00
N GLU A 251 4.19 -7.14 -33.95
CA GLU A 251 3.37 -8.29 -34.24
C GLU A 251 3.10 -9.16 -33.00
N GLY A 252 1.82 -9.41 -32.77
CA GLY A 252 1.34 -10.29 -31.72
C GLY A 252 1.51 -9.80 -30.29
N LEU A 253 1.95 -8.55 -30.07
CA LEU A 253 2.18 -8.16 -28.64
C LEU A 253 0.92 -7.63 -28.02
N PRO A 254 0.79 -7.67 -26.69
CA PRO A 254 -0.40 -7.29 -25.99
C PRO A 254 -0.47 -5.82 -25.58
N HIS A 255 -1.55 -5.50 -24.85
CA HIS A 255 -1.70 -4.13 -24.38
C HIS A 255 -0.61 -3.74 -23.40
N GLY A 256 -0.24 -4.67 -22.50
CA GLY A 256 0.79 -4.29 -21.50
C GLY A 256 2.15 -4.74 -21.97
N MET A 257 2.47 -4.57 -23.29
CA MET A 257 3.74 -5.06 -23.79
C MET A 257 4.95 -4.41 -23.21
N LEU A 258 4.87 -3.20 -22.61
CA LEU A 258 6.09 -2.63 -22.02
C LEU A 258 6.55 -3.46 -20.80
N SER A 259 5.63 -4.21 -20.22
CA SER A 259 6.02 -5.07 -19.08
C SER A 259 6.25 -6.53 -19.48
N THR A 260 5.64 -7.00 -20.58
CA THR A 260 5.85 -8.42 -20.92
C THR A 260 7.02 -8.56 -21.88
N HIS A 261 7.26 -7.50 -22.69
CA HIS A 261 8.37 -7.59 -23.65
C HIS A 261 9.25 -6.36 -23.63
N PRO A 262 9.75 -5.92 -22.48
CA PRO A 262 10.57 -4.73 -22.37
C PRO A 262 11.85 -4.85 -23.18
N GLU A 263 12.44 -6.04 -23.30
CA GLU A 263 13.68 -6.22 -24.06
C GLU A 263 13.46 -5.88 -25.54
N VAL A 264 12.26 -6.02 -26.07
CA VAL A 264 11.99 -5.61 -27.45
C VAL A 264 11.74 -4.10 -27.54
N LEU A 265 10.89 -3.56 -26.65
CA LEU A 265 10.47 -2.17 -26.70
C LEU A 265 11.47 -1.11 -26.25
N ASN A 266 12.24 -1.39 -25.20
CA ASN A 266 13.14 -0.44 -24.59
C ASN A 266 14.19 0.12 -25.57
N PRO A 267 14.82 -0.76 -26.34
CA PRO A 267 15.83 -0.28 -27.30
C PRO A 267 15.23 0.65 -28.35
N ASP A 268 14.01 0.42 -28.80
CA ASP A 268 13.28 1.24 -29.74
C ASP A 268 12.88 2.57 -29.11
N LEU A 269 12.47 2.52 -27.79
CA LEU A 269 12.23 3.84 -27.17
C LEU A 269 13.51 4.65 -27.09
N LEU A 270 14.61 4.00 -26.72
CA LEU A 270 15.91 4.59 -26.57
C LEU A 270 16.40 5.22 -27.89
N ALA A 271 16.26 4.49 -28.97
CA ALA A 271 16.69 4.97 -30.30
C ALA A 271 15.99 6.27 -30.66
N PHE A 272 14.68 6.32 -30.35
CA PHE A 272 13.85 7.48 -30.60
C PHE A 272 14.28 8.65 -29.74
N VAL A 273 14.54 8.43 -28.44
CA VAL A 273 15.00 9.51 -27.59
C VAL A 273 16.37 10.03 -28.03
N LYS A 274 17.24 9.16 -28.56
CA LYS A 274 18.54 9.64 -29.03
C LYS A 274 18.56 10.29 -30.41
N SER A 275 17.65 9.97 -31.30
CA SER A 275 17.56 10.51 -32.64
C SER A 275 17.42 12.02 -32.76
N GLY B 1 -8.51 14.00 2.20
CA GLY B 1 -8.06 15.09 3.11
C GLY B 1 -7.52 14.46 4.40
N THR B 2 -7.05 15.28 5.34
CA THR B 2 -6.65 14.78 6.65
C THR B 2 -7.20 15.72 7.72
N VAL B 3 -7.49 15.18 8.88
CA VAL B 3 -7.95 16.02 9.99
C VAL B 3 -7.00 15.73 11.14
N THR B 4 -6.52 16.72 11.86
CA THR B 4 -5.61 16.47 12.98
C THR B 4 -6.43 16.47 14.25
N THR B 5 -6.39 15.47 15.09
CA THR B 5 -7.21 15.44 16.31
C THR B 5 -6.50 16.16 17.45
N SER B 6 -7.12 16.18 18.61
CA SER B 6 -6.52 16.89 19.76
C SER B 6 -5.19 16.34 20.24
N ASP B 7 -4.89 15.04 20.15
CA ASP B 7 -3.59 14.57 20.53
C ASP B 7 -2.58 14.63 19.38
N GLY B 8 -2.90 15.26 18.25
CA GLY B 8 -1.90 15.35 17.19
C GLY B 8 -1.96 14.25 16.15
N THR B 9 -2.87 13.29 16.27
CA THR B 9 -3.01 12.25 15.27
C THR B 9 -3.64 12.73 13.96
N ASN B 10 -3.01 12.42 12.83
CA ASN B 10 -3.66 12.78 11.57
C ASN B 10 -4.59 11.64 11.14
N ILE B 11 -5.81 11.93 10.83
CA ILE B 11 -6.81 10.98 10.35
C ILE B 11 -7.02 11.21 8.84
N PHE B 12 -6.92 10.19 8.00
CA PHE B 12 -7.16 10.30 6.58
C PHE B 12 -8.64 10.09 6.30
N TYR B 13 -9.18 10.86 5.35
CA TYR B 13 -10.57 10.65 4.97
C TYR B 13 -10.76 10.96 3.48
N LYS B 14 -11.84 10.39 2.94
CA LYS B 14 -12.24 10.61 1.56
C LYS B 14 -13.50 11.46 1.66
N ASP B 15 -13.78 12.32 0.69
CA ASP B 15 -15.03 13.10 0.74
C ASP B 15 -15.41 13.37 -0.69
N TRP B 16 -16.33 12.58 -1.24
CA TRP B 16 -16.67 12.62 -2.66
C TRP B 16 -18.10 13.09 -2.85
N GLY B 17 -18.48 13.50 -4.04
CA GLY B 17 -19.87 13.90 -4.29
C GLY B 17 -20.12 15.39 -4.17
N PRO B 18 -21.39 15.76 -4.33
CA PRO B 18 -21.82 17.14 -4.27
C PRO B 18 -21.50 17.78 -2.94
N ARG B 19 -20.89 18.97 -2.93
CA ARG B 19 -20.61 19.65 -1.67
C ARG B 19 -21.89 19.99 -0.91
N ASP B 20 -22.96 20.24 -1.62
CA ASP B 20 -24.30 20.47 -1.16
C ASP B 20 -25.09 19.19 -0.93
N GLY B 21 -24.56 18.01 -1.24
CA GLY B 21 -25.32 16.77 -1.07
C GLY B 21 -25.57 16.42 0.40
N LEU B 22 -26.54 15.55 0.66
CA LEU B 22 -26.79 15.09 2.04
C LEU B 22 -25.60 14.18 2.40
N PRO B 23 -24.96 14.38 3.52
CA PRO B 23 -23.76 13.63 3.86
C PRO B 23 -24.07 12.24 4.40
N VAL B 24 -23.43 11.22 3.82
CA VAL B 24 -23.56 9.84 4.27
C VAL B 24 -22.14 9.46 4.72
N VAL B 25 -21.96 9.19 6.01
CA VAL B 25 -20.66 8.95 6.61
C VAL B 25 -20.49 7.46 6.94
N PHE B 26 -19.41 6.86 6.46
CA PHE B 26 -19.22 5.40 6.60
C PHE B 26 -18.09 5.08 7.58
N HIS B 27 -18.36 4.12 8.46
CA HIS B 27 -17.39 3.75 9.50
C HIS B 27 -16.98 2.28 9.36
N HIS B 28 -15.75 2.01 8.88
CA HIS B 28 -15.32 0.66 8.56
C HIS B 28 -15.16 -0.20 9.81
N GLY B 29 -15.08 -1.51 9.61
CA GLY B 29 -14.92 -2.45 10.70
C GLY B 29 -13.42 -2.71 10.90
N TRP B 30 -13.11 -3.58 11.83
CA TRP B 30 -11.76 -4.05 12.14
C TRP B 30 -11.40 -5.25 11.26
N PRO B 31 -10.16 -5.32 10.83
CA PRO B 31 -9.10 -4.34 10.99
C PRO B 31 -8.83 -3.62 9.65
N LEU B 32 -9.87 -3.03 9.08
CA LEU B 32 -9.86 -2.55 7.71
C LEU B 32 -9.60 -1.09 7.48
N SER B 33 -10.29 -0.45 6.53
CA SER B 33 -10.01 0.96 6.21
C SER B 33 -11.17 1.52 5.42
N ALA B 34 -11.19 2.84 5.17
CA ALA B 34 -12.24 3.43 4.38
C ALA B 34 -12.39 2.74 3.02
N ASP B 35 -11.38 2.09 2.42
CA ASP B 35 -11.49 1.40 1.14
C ASP B 35 -12.35 0.13 1.16
N ASP B 36 -12.83 -0.26 2.35
CA ASP B 36 -13.76 -1.41 2.39
C ASP B 36 -15.13 -1.00 1.90
N TRP B 37 -15.40 0.30 1.74
CA TRP B 37 -16.70 0.82 1.36
C TRP B 37 -16.84 1.18 -0.13
N ASP B 38 -15.86 0.82 -0.98
CA ASP B 38 -15.92 1.18 -2.38
C ASP B 38 -17.30 1.01 -3.00
N ASN B 39 -17.86 -0.20 -2.94
CA ASN B 39 -19.19 -0.48 -3.48
C ASN B 39 -20.24 0.49 -2.97
N GLN B 40 -20.37 0.72 -1.67
CA GLN B 40 -21.45 1.54 -1.16
C GLN B 40 -21.23 3.02 -1.48
N MET B 41 -19.95 3.39 -1.52
CA MET B 41 -19.67 4.81 -1.84
C MET B 41 -20.07 5.14 -3.29
N LEU B 42 -19.72 4.28 -4.25
CA LEU B 42 -20.13 4.49 -5.64
C LEU B 42 -21.66 4.46 -5.74
N PHE B 43 -22.25 3.51 -5.01
CA PHE B 43 -23.71 3.40 -5.03
C PHE B 43 -24.36 4.68 -4.58
N PHE B 44 -24.01 5.21 -3.40
CA PHE B 44 -24.64 6.39 -2.85
C PHE B 44 -24.27 7.64 -3.68
N LEU B 45 -23.07 7.69 -4.24
CA LEU B 45 -22.65 8.76 -5.12
C LEU B 45 -23.57 8.83 -6.34
N SER B 46 -23.94 7.66 -6.87
CA SER B 46 -24.80 7.57 -8.05
C SER B 46 -26.21 8.03 -7.70
N HIS B 47 -26.59 8.02 -6.43
CA HIS B 47 -27.92 8.51 -6.07
C HIS B 47 -27.87 9.96 -5.64
N GLY B 48 -26.74 10.64 -5.84
CA GLY B 48 -26.65 12.06 -5.50
C GLY B 48 -26.19 12.42 -4.11
N TYR B 49 -25.72 11.45 -3.30
CA TYR B 49 -25.32 11.84 -1.94
C TYR B 49 -23.86 12.30 -1.89
N ARG B 50 -23.51 12.96 -0.79
CA ARG B 50 -22.11 13.31 -0.52
C ARG B 50 -21.54 12.15 0.31
N VAL B 51 -20.45 11.49 -0.04
CA VAL B 51 -20.04 10.29 0.71
C VAL B 51 -18.69 10.50 1.35
N ILE B 52 -18.59 10.27 2.64
CA ILE B 52 -17.45 10.53 3.47
C ILE B 52 -17.07 9.24 4.23
N ALA B 53 -15.78 8.92 4.21
CA ALA B 53 -15.30 7.75 4.94
C ALA B 53 -13.86 8.03 5.40
N HIS B 54 -13.59 7.74 6.66
CA HIS B 54 -12.25 7.96 7.21
C HIS B 54 -11.57 6.63 7.58
N ASP B 55 -10.25 6.65 7.72
CA ASP B 55 -9.45 5.52 8.22
C ASP B 55 -9.30 5.78 9.73
N ARG B 56 -9.82 4.90 10.58
CA ARG B 56 -9.68 4.92 12.03
C ARG B 56 -8.19 5.08 12.35
N ARG B 57 -7.87 5.68 13.50
CA ARG B 57 -6.47 5.83 13.89
C ARG B 57 -5.80 4.47 13.91
N GLY B 58 -4.60 4.37 13.43
CA GLY B 58 -3.86 3.10 13.34
C GLY B 58 -4.31 2.19 12.20
N HIS B 59 -5.14 2.64 11.27
CA HIS B 59 -5.66 1.86 10.21
C HIS B 59 -5.44 2.57 8.85
N GLY B 60 -5.29 1.79 7.79
CA GLY B 60 -5.20 2.39 6.45
C GLY B 60 -4.09 3.43 6.34
N ARG B 61 -4.46 4.63 5.93
CA ARG B 61 -3.56 5.75 5.65
C ARG B 61 -3.44 6.71 6.85
N SER B 62 -4.23 6.49 7.90
CA SER B 62 -4.09 7.31 9.09
C SER B 62 -2.77 6.98 9.79
N ASP B 63 -2.38 7.92 10.66
CA ASP B 63 -1.20 7.79 11.49
C ASP B 63 -1.31 6.54 12.36
N GLN B 64 -0.19 6.10 12.90
CA GLN B 64 -0.13 4.90 13.78
C GLN B 64 0.37 5.35 15.16
N PRO B 65 -0.48 5.94 15.96
CA PRO B 65 -0.04 6.46 17.27
C PRO B 65 0.18 5.39 18.31
N SER B 66 0.90 5.74 19.37
CA SER B 66 1.14 4.79 20.45
C SER B 66 -0.15 4.56 21.23
N THR B 67 -1.01 5.57 21.42
CA THR B 67 -2.21 5.41 22.20
C THR B 67 -3.49 5.86 21.53
N GLY B 68 -4.59 5.70 22.31
CA GLY B 68 -5.92 6.10 21.89
C GLY B 68 -6.66 4.95 21.23
N HIS B 69 -6.26 3.67 21.44
CA HIS B 69 -6.99 2.61 20.77
C HIS B 69 -8.19 2.16 21.59
N ASP B 70 -9.19 3.00 21.65
CA ASP B 70 -10.38 2.66 22.46
C ASP B 70 -11.58 3.43 21.94
N MET B 71 -12.79 2.97 22.26
CA MET B 71 -14.00 3.58 21.74
C MET B 71 -14.19 5.05 22.05
N ASP B 72 -13.82 5.52 23.25
CA ASP B 72 -14.00 6.94 23.50
C ASP B 72 -13.11 7.74 22.56
N THR B 73 -11.86 7.37 22.37
CA THR B 73 -10.99 8.13 21.44
C THR B 73 -11.52 8.04 20.01
N TYR B 74 -11.98 6.88 19.59
CA TYR B 74 -12.54 6.71 18.25
C TYR B 74 -13.71 7.67 18.01
N ALA B 75 -14.59 7.73 19.01
CA ALA B 75 -15.76 8.62 18.90
C ALA B 75 -15.31 10.07 18.89
N ALA B 76 -14.29 10.42 19.67
CA ALA B 76 -13.73 11.76 19.67
C ALA B 76 -13.10 12.12 18.33
N ASP B 77 -12.46 11.15 17.68
CA ASP B 77 -11.87 11.36 16.37
C ASP B 77 -12.98 11.63 15.33
N VAL B 78 -14.12 10.97 15.42
CA VAL B 78 -15.23 11.20 14.54
C VAL B 78 -15.71 12.65 14.74
N ALA B 79 -15.88 13.06 16.01
CA ALA B 79 -16.31 14.44 16.29
C ALA B 79 -15.33 15.46 15.75
N ALA B 80 -14.02 15.20 15.81
CA ALA B 80 -13.07 16.12 15.17
C ALA B 80 -13.35 16.27 13.67
N LEU B 81 -13.60 15.16 12.98
CA LEU B 81 -13.88 15.11 11.57
C LEU B 81 -15.18 15.85 11.22
N THR B 82 -16.28 15.53 11.92
CA THR B 82 -17.57 16.13 11.57
C THR B 82 -17.54 17.63 11.91
N GLU B 83 -16.79 18.01 12.93
CA GLU B 83 -16.65 19.44 13.23
C GLU B 83 -15.79 20.11 12.18
N ALA B 84 -14.65 19.53 11.77
CA ALA B 84 -13.81 20.11 10.74
C ALA B 84 -14.57 20.35 9.45
N LEU B 85 -15.43 19.43 9.04
CA LEU B 85 -16.21 19.51 7.83
C LEU B 85 -17.54 20.24 8.07
N ASP B 86 -17.90 20.54 9.31
CA ASP B 86 -19.15 21.19 9.65
C ASP B 86 -20.34 20.47 9.02
N LEU B 87 -20.45 19.17 9.34
CA LEU B 87 -21.53 18.37 8.80
C LEU B 87 -22.85 18.62 9.55
N ARG B 88 -23.93 18.62 8.79
CA ARG B 88 -25.25 18.84 9.38
C ARG B 88 -26.24 17.80 8.88
N GLY B 89 -26.97 17.14 9.75
CA GLY B 89 -27.98 16.15 9.38
C GLY B 89 -27.39 14.92 8.70
N ALA B 90 -26.20 14.52 9.10
CA ALA B 90 -25.54 13.42 8.37
C ALA B 90 -26.19 12.09 8.68
N VAL B 91 -26.07 11.10 7.83
CA VAL B 91 -26.46 9.75 8.13
C VAL B 91 -25.17 8.95 8.42
N HIS B 92 -25.00 8.32 9.56
CA HIS B 92 -23.76 7.57 9.83
C HIS B 92 -24.03 6.09 9.68
N ILE B 93 -23.24 5.40 8.85
CA ILE B 93 -23.45 3.96 8.63
C ILE B 93 -22.18 3.24 9.15
N GLY B 94 -22.31 2.37 10.14
CA GLY B 94 -21.11 1.72 10.67
C GLY B 94 -21.22 0.21 10.56
N HIS B 95 -20.12 -0.46 10.20
CA HIS B 95 -20.08 -1.89 10.11
C HIS B 95 -19.22 -2.50 11.22
N SER B 96 -19.74 -3.60 11.79
CA SER B 96 -18.97 -4.32 12.82
C SER B 96 -18.49 -3.41 13.91
N THR B 97 -17.17 -3.32 14.17
CA THR B 97 -16.54 -2.41 15.11
C THR B 97 -16.92 -0.95 14.89
N GLY B 98 -17.03 -0.59 13.59
CA GLY B 98 -17.48 0.74 13.20
C GLY B 98 -18.91 0.97 13.74
N GLY B 99 -19.75 -0.05 13.89
CA GLY B 99 -21.09 0.22 14.45
C GLY B 99 -20.97 0.62 15.91
N GLY B 100 -19.96 0.19 16.67
CA GLY B 100 -19.82 0.63 18.06
C GLY B 100 -19.34 2.07 18.12
N GLU B 101 -18.43 2.43 17.20
CA GLU B 101 -17.93 3.77 17.06
C GLU B 101 -19.12 4.73 16.76
N VAL B 102 -20.00 4.31 15.86
CA VAL B 102 -21.16 5.11 15.53
C VAL B 102 -22.06 5.29 16.74
N ALA B 103 -22.42 4.21 17.41
CA ALA B 103 -23.28 4.27 18.60
C ALA B 103 -22.69 5.26 19.61
N ARG B 104 -21.41 5.19 19.93
CA ARG B 104 -20.80 6.10 20.89
C ARG B 104 -20.74 7.52 20.39
N TYR B 105 -20.43 7.75 19.11
CA TYR B 105 -20.40 9.11 18.58
C TYR B 105 -21.80 9.71 18.49
N VAL B 106 -22.81 8.97 18.05
CA VAL B 106 -24.14 9.53 17.90
C VAL B 106 -24.73 9.85 19.27
N ALA B 107 -24.45 9.03 20.29
CA ALA B 107 -24.92 9.32 21.65
C ALA B 107 -24.35 10.65 22.12
N ARG B 108 -23.11 10.97 21.82
CA ARG B 108 -22.49 12.19 22.26
C ARG B 108 -22.50 13.36 21.31
N ALA B 109 -23.09 13.21 20.12
CA ALA B 109 -22.98 14.26 19.12
C ALA B 109 -23.70 15.56 19.45
N GLU B 110 -23.18 16.66 18.93
CA GLU B 110 -23.85 17.94 19.05
C GLU B 110 -25.17 17.84 18.28
N PRO B 111 -26.16 18.61 18.70
CA PRO B 111 -27.48 18.63 18.09
C PRO B 111 -27.41 19.07 16.63
N GLY B 112 -28.20 18.39 15.80
CA GLY B 112 -28.23 18.70 14.37
C GLY B 112 -27.05 18.14 13.58
N ARG B 113 -26.13 17.44 14.23
CA ARG B 113 -25.00 16.82 13.54
C ARG B 113 -25.47 15.56 12.82
N VAL B 114 -26.34 14.81 13.50
CA VAL B 114 -26.85 13.56 12.97
C VAL B 114 -28.35 13.53 12.74
N ALA B 115 -28.79 12.96 11.64
CA ALA B 115 -30.17 12.73 11.34
C ALA B 115 -30.56 11.26 11.55
N LYS B 116 -29.70 10.31 11.19
CA LYS B 116 -30.02 8.89 11.26
C LYS B 116 -28.74 8.06 11.40
N ALA B 117 -28.85 6.86 11.88
CA ALA B 117 -27.66 5.98 12.03
C ALA B 117 -28.03 4.60 11.53
N VAL B 118 -27.04 3.83 11.04
CA VAL B 118 -27.31 2.49 10.57
C VAL B 118 -26.22 1.59 11.20
N LEU B 119 -26.59 0.57 11.92
CA LEU B 119 -25.67 -0.37 12.52
C LEU B 119 -25.74 -1.70 11.76
N VAL B 120 -24.71 -2.01 10.96
CA VAL B 120 -24.67 -3.21 10.17
C VAL B 120 -23.71 -4.23 10.76
N SER B 121 -24.20 -5.43 11.07
CA SER B 121 -23.38 -6.49 11.63
C SER B 121 -22.58 -5.93 12.81
N ALA B 122 -23.20 -5.13 13.66
CA ALA B 122 -22.47 -4.34 14.64
C ALA B 122 -22.25 -5.03 15.98
N VAL B 123 -21.24 -4.57 16.71
CA VAL B 123 -20.95 -5.14 18.01
C VAL B 123 -21.88 -4.88 19.20
N PRO B 124 -22.62 -3.79 19.29
CA PRO B 124 -23.45 -3.53 20.48
C PRO B 124 -24.55 -4.57 20.62
N PRO B 125 -25.08 -4.77 21.84
CA PRO B 125 -24.73 -4.02 23.02
C PRO B 125 -23.36 -4.32 23.58
N VAL B 126 -23.00 -5.59 23.69
CA VAL B 126 -21.73 -6.00 24.27
C VAL B 126 -21.46 -7.45 23.85
N MET B 127 -20.21 -7.78 23.49
CA MET B 127 -19.96 -9.10 22.93
C MET B 127 -19.52 -10.12 23.98
N VAL B 128 -18.67 -9.69 24.91
CA VAL B 128 -18.07 -10.69 25.80
C VAL B 128 -19.07 -11.29 26.80
N LYS B 129 -18.96 -12.57 27.03
CA LYS B 129 -19.83 -13.28 27.97
C LYS B 129 -19.59 -12.80 29.40
N SER B 130 -20.64 -12.46 30.11
CA SER B 130 -20.50 -12.02 31.49
C SER B 130 -21.78 -12.30 32.29
N ASP B 131 -21.82 -11.71 33.46
CA ASP B 131 -22.91 -11.74 34.41
C ASP B 131 -24.14 -11.16 33.72
N THR B 132 -24.03 -9.93 33.27
CA THR B 132 -24.96 -9.17 32.48
C THR B 132 -25.23 -9.70 31.08
N ASN B 133 -24.36 -10.53 30.53
CA ASN B 133 -24.52 -11.06 29.18
C ASN B 133 -24.12 -12.52 29.08
N PRO B 134 -24.98 -13.41 29.56
CA PRO B 134 -24.78 -14.85 29.56
C PRO B 134 -24.66 -15.49 28.19
N ASP B 135 -25.22 -14.83 27.17
CA ASP B 135 -25.14 -15.35 25.82
C ASP B 135 -23.95 -14.83 25.02
N GLY B 136 -23.02 -14.13 25.64
CA GLY B 136 -21.87 -13.57 24.94
C GLY B 136 -20.81 -14.62 24.63
N LEU B 137 -19.75 -14.18 23.93
CA LEU B 137 -18.68 -15.15 23.65
C LEU B 137 -17.69 -15.08 24.80
N PRO B 138 -17.13 -16.21 25.17
CA PRO B 138 -16.10 -16.24 26.19
C PRO B 138 -14.88 -15.45 25.74
N LEU B 139 -14.18 -14.91 26.71
CA LEU B 139 -12.96 -14.15 26.55
C LEU B 139 -11.89 -14.92 25.79
N GLU B 140 -11.83 -16.25 25.94
CA GLU B 140 -10.88 -17.08 25.28
C GLU B 140 -10.93 -16.96 23.76
N VAL B 141 -12.08 -16.67 23.16
CA VAL B 141 -12.14 -16.50 21.71
C VAL B 141 -11.30 -15.30 21.26
N PHE B 142 -11.32 -14.23 22.05
CA PHE B 142 -10.62 -13.00 21.79
C PHE B 142 -9.17 -13.14 22.18
N ASP B 143 -8.83 -13.98 23.16
CA ASP B 143 -7.45 -14.26 23.48
C ASP B 143 -6.82 -14.97 22.28
N GLU B 144 -7.59 -15.88 21.69
CA GLU B 144 -7.09 -16.57 20.50
C GLU B 144 -6.69 -15.64 19.36
N PHE B 145 -7.60 -14.74 19.01
CA PHE B 145 -7.37 -13.74 18.00
C PHE B 145 -6.13 -12.90 18.34
N ARG B 146 -5.98 -12.43 19.57
CA ARG B 146 -4.82 -11.65 20.01
C ARG B 146 -3.54 -12.45 19.80
N ALA B 147 -3.53 -13.73 20.18
CA ALA B 147 -2.32 -14.53 20.09
C ALA B 147 -1.92 -14.81 18.65
N ALA B 148 -2.91 -15.05 17.77
CA ALA B 148 -2.55 -15.32 16.38
C ALA B 148 -2.07 -14.05 15.67
N LEU B 149 -2.75 -12.94 15.95
CA LEU B 149 -2.37 -11.65 15.34
C LEU B 149 -0.95 -11.30 15.74
N ALA B 150 -0.58 -11.40 17.02
CA ALA B 150 0.75 -11.07 17.51
C ALA B 150 1.80 -11.99 16.92
N ALA B 151 1.49 -13.27 16.74
CA ALA B 151 2.47 -14.23 16.27
C ALA B 151 2.73 -14.16 14.75
N ASN B 152 1.72 -14.02 13.93
CA ASN B 152 1.99 -13.96 12.46
C ASN B 152 0.81 -13.26 11.80
N ARG B 153 0.78 -11.92 11.94
CA ARG B 153 -0.33 -11.11 11.50
C ARG B 153 -0.63 -11.40 10.03
N ALA B 154 0.43 -11.47 9.19
CA ALA B 154 0.20 -11.67 7.76
C ALA B 154 -0.54 -12.98 7.45
N GLN B 155 -0.26 -14.04 8.20
CA GLN B 155 -1.04 -15.27 7.93
C GLN B 155 -2.44 -15.23 8.48
N PHE B 156 -2.62 -14.68 9.68
CA PHE B 156 -3.84 -14.54 10.41
C PHE B 156 -4.83 -13.73 9.52
N TYR B 157 -4.28 -12.75 8.78
CA TYR B 157 -5.14 -11.90 7.92
C TYR B 157 -5.46 -12.59 6.60
N ILE B 158 -4.91 -13.76 6.30
CA ILE B 158 -5.40 -14.55 5.18
C ILE B 158 -6.49 -15.49 5.76
N ASP B 159 -6.22 -16.12 6.91
CA ASP B 159 -7.16 -17.03 7.54
C ASP B 159 -8.53 -16.43 7.82
N VAL B 160 -8.60 -15.25 8.40
CA VAL B 160 -9.88 -14.63 8.74
C VAL B 160 -10.79 -14.43 7.55
N PRO B 161 -10.39 -13.74 6.49
CA PRO B 161 -11.25 -13.51 5.34
C PRO B 161 -11.49 -14.78 4.54
N SER B 162 -10.56 -15.73 4.60
CA SER B 162 -10.72 -17.01 3.93
C SER B 162 -11.76 -17.91 4.63
N GLY B 163 -11.98 -17.69 5.92
CA GLY B 163 -12.87 -18.57 6.66
C GLY B 163 -14.14 -17.93 7.08
N PRO B 164 -14.18 -17.40 8.31
CA PRO B 164 -15.39 -16.88 8.85
C PRO B 164 -15.89 -15.53 8.38
N PHE B 165 -15.01 -14.61 7.93
CA PHE B 165 -15.54 -13.27 7.68
C PHE B 165 -16.57 -13.14 6.58
N TYR B 166 -16.39 -13.80 5.44
CA TYR B 166 -17.34 -13.63 4.37
C TYR B 166 -18.17 -14.94 4.18
N GLY B 167 -17.99 -15.90 5.08
CA GLY B 167 -18.73 -17.18 4.97
C GLY B 167 -18.28 -18.02 3.83
N PHE B 168 -17.02 -17.86 3.39
CA PHE B 168 -16.48 -18.65 2.30
C PHE B 168 -16.14 -20.05 2.79
N ASN B 169 -16.19 -20.31 4.09
CA ASN B 169 -16.00 -21.69 4.57
C ASN B 169 -17.31 -22.52 4.49
N ARG B 170 -18.43 -21.93 4.10
CA ARG B 170 -19.70 -22.62 3.90
C ARG B 170 -19.76 -23.32 2.55
N GLU B 171 -20.21 -24.61 2.60
CA GLU B 171 -20.30 -25.39 1.40
C GLU B 171 -21.14 -24.70 0.35
N GLY B 172 -20.74 -24.64 -0.89
CA GLY B 172 -21.49 -24.04 -1.96
C GLY B 172 -21.42 -22.52 -2.05
N ALA B 173 -20.83 -21.78 -1.14
CA ALA B 173 -20.77 -20.32 -1.17
C ALA B 173 -19.93 -19.83 -2.36
N THR B 174 -20.32 -18.78 -3.03
CA THR B 174 -19.56 -18.22 -4.15
C THR B 174 -18.36 -17.49 -3.54
N VAL B 175 -17.18 -17.89 -3.84
CA VAL B 175 -15.96 -17.34 -3.26
C VAL B 175 -15.38 -16.26 -4.17
N SER B 176 -14.90 -15.17 -3.63
CA SER B 176 -14.26 -14.14 -4.50
C SER B 176 -12.86 -13.96 -3.95
N GLN B 177 -11.82 -14.36 -4.70
CA GLN B 177 -10.44 -14.20 -4.23
C GLN B 177 -10.11 -12.73 -4.06
N GLY B 178 -10.73 -11.88 -4.88
CA GLY B 178 -10.39 -10.42 -4.74
C GLY B 178 -10.85 -9.91 -3.38
N LEU B 179 -11.98 -10.40 -2.84
CA LEU B 179 -12.38 -9.91 -1.52
C LEU B 179 -11.45 -10.36 -0.40
N ILE B 180 -10.93 -11.58 -0.53
CA ILE B 180 -9.93 -12.07 0.40
C ILE B 180 -8.65 -11.21 0.28
N ASP B 181 -8.10 -11.06 -0.91
CA ASP B 181 -6.87 -10.28 -1.06
C ASP B 181 -7.06 -8.84 -0.56
N HIS B 182 -8.18 -8.21 -0.86
CA HIS B 182 -8.39 -6.81 -0.48
C HIS B 182 -8.51 -6.66 1.02
N TRP B 183 -9.11 -7.64 1.69
CA TRP B 183 -9.23 -7.56 3.17
C TRP B 183 -7.84 -7.63 3.77
N TRP B 184 -7.02 -8.57 3.26
CA TRP B 184 -5.67 -8.74 3.76
C TRP B 184 -4.86 -7.45 3.51
N LEU B 185 -4.99 -6.85 2.34
CA LEU B 185 -4.19 -5.62 2.06
C LEU B 185 -4.55 -4.46 2.97
N GLN B 186 -5.84 -4.26 3.20
CA GLN B 186 -6.33 -3.23 4.10
C GLN B 186 -5.76 -3.52 5.49
N GLY B 187 -5.91 -4.77 5.96
CA GLY B 187 -5.33 -5.04 7.29
C GLY B 187 -3.83 -4.87 7.37
N MET B 188 -3.03 -5.27 6.40
CA MET B 188 -1.59 -5.15 6.46
C MET B 188 -1.13 -3.67 6.39
N MET B 189 -1.91 -2.76 5.82
CA MET B 189 -1.53 -1.34 5.84
C MET B 189 -1.65 -0.72 7.22
N GLY B 190 -2.55 -1.25 8.06
CA GLY B 190 -2.75 -0.68 9.38
C GLY B 190 -1.71 -1.21 10.37
N ALA B 191 -1.80 -0.61 11.57
CA ALA B 191 -0.79 -0.87 12.63
C ALA B 191 -1.08 -2.14 13.47
N ALA B 192 0.01 -2.89 13.67
CA ALA B 192 -0.14 -4.10 14.52
C ALA B 192 -0.62 -3.73 15.92
N ASN B 193 -0.08 -2.64 16.53
CA ASN B 193 -0.55 -2.32 17.89
C ASN B 193 -2.00 -1.87 17.92
N ALA B 194 -2.48 -1.09 16.97
CA ALA B 194 -3.88 -0.64 16.99
C ALA B 194 -4.80 -1.83 16.77
N HIS B 195 -4.43 -2.68 15.80
CA HIS B 195 -5.29 -3.86 15.54
C HIS B 195 -5.33 -4.78 16.76
N TYR B 196 -4.21 -5.01 17.39
CA TYR B 196 -4.19 -5.87 18.59
C TYR B 196 -5.04 -5.26 19.69
N GLU B 197 -4.84 -3.99 20.02
CA GLU B 197 -5.62 -3.33 21.09
C GLU B 197 -7.08 -3.15 20.82
N CYS B 198 -7.47 -2.97 19.53
CA CYS B 198 -8.86 -2.81 19.19
C CYS B 198 -9.71 -4.05 19.48
N ILE B 199 -9.12 -5.23 19.52
CA ILE B 199 -9.89 -6.45 19.80
C ILE B 199 -10.63 -6.29 21.15
N ALA B 200 -9.95 -5.88 22.19
CA ALA B 200 -10.57 -5.65 23.49
C ALA B 200 -11.55 -4.50 23.44
N ALA B 201 -11.24 -3.45 22.66
CA ALA B 201 -12.14 -2.32 22.55
C ALA B 201 -13.44 -2.69 21.86
N PHE B 202 -13.46 -3.58 20.85
CA PHE B 202 -14.74 -3.89 20.26
C PHE B 202 -15.45 -5.00 21.03
N SER B 203 -14.74 -5.88 21.75
CA SER B 203 -15.46 -7.04 22.28
C SER B 203 -15.82 -6.89 23.75
N GLU B 204 -15.16 -5.97 24.44
CA GLU B 204 -15.40 -5.80 25.86
C GLU B 204 -16.09 -4.52 26.25
N THR B 205 -16.25 -3.56 25.35
CA THR B 205 -16.90 -2.29 25.66
C THR B 205 -18.41 -2.49 25.65
N ASP B 206 -19.05 -2.03 26.73
CA ASP B 206 -20.49 -2.18 26.83
C ASP B 206 -21.17 -0.99 26.19
N PHE B 207 -21.93 -1.12 25.11
CA PHE B 207 -22.55 0.10 24.57
C PHE B 207 -24.00 0.29 25.00
N THR B 208 -24.46 -0.41 26.02
CA THR B 208 -25.85 -0.33 26.48
C THR B 208 -26.27 1.08 26.78
N ASP B 209 -25.47 1.83 27.52
CA ASP B 209 -25.79 3.21 27.85
C ASP B 209 -25.80 4.10 26.62
N ASP B 210 -24.92 3.82 25.64
CA ASP B 210 -24.91 4.65 24.45
C ASP B 210 -26.21 4.53 23.68
N LEU B 211 -26.65 3.30 23.44
CA LEU B 211 -27.87 2.98 22.73
C LEU B 211 -29.09 3.59 23.43
N LYS B 212 -29.08 3.57 24.76
CA LYS B 212 -30.19 4.16 25.54
C LYS B 212 -30.31 5.65 25.25
N ARG B 213 -29.24 6.39 24.97
CA ARG B 213 -29.35 7.79 24.66
C ARG B 213 -29.60 8.13 23.19
N ILE B 214 -29.68 7.17 22.28
CA ILE B 214 -29.83 7.59 20.89
C ILE B 214 -31.28 7.91 20.61
N ASP B 215 -31.58 9.08 20.10
CA ASP B 215 -33.00 9.37 19.79
C ASP B 215 -33.30 9.43 18.30
N VAL B 216 -32.33 9.41 17.42
CA VAL B 216 -32.65 9.46 15.99
C VAL B 216 -33.01 8.06 15.55
N PRO B 217 -33.62 7.90 14.39
CA PRO B 217 -33.99 6.62 13.85
C PRO B 217 -32.74 5.80 13.51
N VAL B 218 -32.79 4.51 13.84
CA VAL B 218 -31.60 3.67 13.63
C VAL B 218 -32.07 2.43 12.89
N LEU B 219 -31.37 2.10 11.80
CA LEU B 219 -31.62 0.85 11.12
C LEU B 219 -30.57 -0.11 11.70
N VAL B 220 -31.00 -1.25 12.16
CA VAL B 220 -30.16 -2.30 12.70
C VAL B 220 -30.25 -3.47 11.75
N ALA B 221 -29.16 -3.75 11.02
CA ALA B 221 -29.16 -4.80 10.01
C ALA B 221 -28.11 -5.85 10.37
N HIS B 222 -28.45 -7.10 10.19
CA HIS B 222 -27.48 -8.15 10.58
C HIS B 222 -27.77 -9.42 9.84
N GLY B 223 -26.77 -10.21 9.49
CA GLY B 223 -27.00 -11.48 8.82
C GLY B 223 -27.13 -12.57 9.88
N THR B 224 -27.91 -13.62 9.60
CA THR B 224 -28.13 -14.61 10.68
C THR B 224 -27.03 -15.64 10.73
N ASP B 225 -26.21 -15.80 9.71
CA ASP B 225 -25.09 -16.73 9.76
C ASP B 225 -23.77 -15.97 10.01
N ASP B 226 -23.76 -14.94 10.80
CA ASP B 226 -22.56 -14.13 11.06
C ASP B 226 -21.65 -14.91 11.99
N GLN B 227 -20.49 -15.32 11.49
CA GLN B 227 -19.56 -16.09 12.27
C GLN B 227 -18.63 -15.23 13.11
N VAL B 228 -18.72 -13.90 13.03
CA VAL B 228 -17.76 -13.04 13.75
C VAL B 228 -18.46 -12.33 14.89
N VAL B 229 -19.61 -11.72 14.62
CA VAL B 229 -20.42 -11.07 15.62
C VAL B 229 -21.77 -11.82 15.64
N PRO B 230 -21.90 -12.81 16.53
CA PRO B 230 -23.09 -13.64 16.64
C PRO B 230 -24.36 -12.81 16.61
N TYR B 231 -25.27 -13.14 15.72
CA TYR B 231 -26.50 -12.39 15.51
C TYR B 231 -27.38 -12.23 16.75
N ALA B 232 -27.64 -13.33 17.44
CA ALA B 232 -28.58 -13.34 18.56
C ALA B 232 -28.14 -12.49 19.73
N ASP B 233 -26.85 -12.32 19.98
CA ASP B 233 -26.34 -11.52 21.08
C ASP B 233 -26.11 -10.07 20.68
N ALA B 234 -26.42 -9.73 19.43
CA ALA B 234 -26.26 -8.36 18.96
C ALA B 234 -27.55 -7.73 18.45
N ALA B 235 -27.91 -7.94 17.19
CA ALA B 235 -28.98 -7.23 16.52
C ALA B 235 -30.27 -7.04 17.31
N PRO B 236 -30.95 -8.12 17.68
CA PRO B 236 -32.19 -8.07 18.44
C PRO B 236 -32.07 -7.30 19.74
N LYS B 237 -30.96 -7.49 20.45
CA LYS B 237 -30.72 -6.79 21.70
C LYS B 237 -30.55 -5.29 21.49
N SER B 238 -29.77 -4.89 20.50
CA SER B 238 -29.60 -3.47 20.20
C SER B 238 -30.94 -2.84 19.83
N ALA B 239 -31.71 -3.51 19.01
CA ALA B 239 -33.00 -2.98 18.56
C ALA B 239 -33.94 -2.72 19.75
N GLU B 240 -33.93 -3.64 20.73
CA GLU B 240 -34.72 -3.54 21.93
C GLU B 240 -34.31 -2.35 22.79
N LEU B 241 -33.03 -1.98 22.75
CA LEU B 241 -32.55 -0.87 23.56
C LEU B 241 -32.73 0.47 22.91
N LEU B 242 -32.91 0.49 21.57
CA LEU B 242 -33.03 1.79 20.92
C LEU B 242 -34.50 2.25 20.94
N ALA B 243 -34.70 3.54 21.05
CA ALA B 243 -36.04 4.09 21.04
C ALA B 243 -36.70 4.01 19.68
N ASN B 244 -35.98 4.39 18.60
CA ASN B 244 -36.60 4.35 17.27
C ASN B 244 -35.84 3.45 16.32
N ALA B 245 -35.91 2.14 16.50
CA ALA B 245 -35.15 1.23 15.69
C ALA B 245 -35.94 0.37 14.74
N THR B 246 -35.36 0.14 13.55
CA THR B 246 -35.96 -0.77 12.58
C THR B 246 -34.98 -1.94 12.48
N LEU B 247 -35.44 -3.17 12.69
CA LEU B 247 -34.53 -4.30 12.68
C LEU B 247 -34.67 -5.12 11.41
N LYS B 248 -33.62 -5.29 10.62
CA LYS B 248 -33.75 -6.13 9.43
C LYS B 248 -32.81 -7.32 9.57
N SER B 249 -33.28 -8.53 9.43
CA SER B 249 -32.52 -9.75 9.54
C SER B 249 -32.32 -10.41 8.18
N TYR B 250 -31.07 -10.73 7.82
CA TYR B 250 -30.87 -11.34 6.50
C TYR B 250 -30.48 -12.78 6.71
N GLU B 251 -31.39 -13.68 6.38
CA GLU B 251 -31.15 -15.09 6.53
C GLU B 251 -29.93 -15.60 5.81
N GLY B 252 -29.04 -16.29 6.50
CA GLY B 252 -27.92 -16.94 5.86
C GLY B 252 -26.76 -16.09 5.43
N LEU B 253 -26.76 -14.80 5.70
CA LEU B 253 -25.69 -13.91 5.26
C LEU B 253 -24.58 -13.82 6.31
N PRO B 254 -23.39 -13.47 5.83
CA PRO B 254 -22.23 -13.47 6.69
C PRO B 254 -21.91 -12.14 7.28
N HIS B 255 -20.80 -12.14 8.03
CA HIS B 255 -20.37 -10.90 8.66
C HIS B 255 -20.05 -9.83 7.59
N GLY B 256 -19.42 -10.22 6.49
CA GLY B 256 -19.08 -9.16 5.48
C GLY B 256 -20.04 -9.10 4.32
N MET B 257 -21.34 -9.18 4.70
CA MET B 257 -22.40 -9.20 3.68
C MET B 257 -22.53 -7.93 2.86
N LEU B 258 -22.06 -6.78 3.29
CA LEU B 258 -22.00 -5.58 2.47
C LEU B 258 -21.15 -5.82 1.22
N SER B 259 -20.14 -6.69 1.24
CA SER B 259 -19.33 -6.96 0.08
C SER B 259 -19.74 -8.21 -0.66
N THR B 260 -20.34 -9.22 -0.01
CA THR B 260 -20.72 -10.46 -0.69
C THR B 260 -22.12 -10.33 -1.31
N HIS B 261 -22.98 -9.55 -0.68
CA HIS B 261 -24.36 -9.40 -1.11
C HIS B 261 -24.83 -7.97 -1.20
N PRO B 262 -24.10 -7.07 -1.89
CA PRO B 262 -24.50 -5.67 -1.92
C PRO B 262 -25.82 -5.47 -2.64
N GLU B 263 -26.19 -6.35 -3.56
CA GLU B 263 -27.46 -6.18 -4.28
C GLU B 263 -28.65 -6.47 -3.37
N VAL B 264 -28.44 -7.13 -2.27
CA VAL B 264 -29.52 -7.34 -1.27
C VAL B 264 -29.58 -6.16 -0.32
N LEU B 265 -28.42 -5.73 0.19
CA LEU B 265 -28.35 -4.69 1.20
C LEU B 265 -28.49 -3.27 0.72
N ASN B 266 -27.84 -2.91 -0.41
CA ASN B 266 -27.85 -1.53 -0.86
C ASN B 266 -29.26 -0.94 -1.03
N PRO B 267 -30.20 -1.57 -1.69
CA PRO B 267 -31.55 -1.01 -1.78
C PRO B 267 -32.19 -0.76 -0.42
N ASP B 268 -31.93 -1.56 0.60
CA ASP B 268 -32.53 -1.43 1.92
C ASP B 268 -31.91 -0.28 2.66
N LEU B 269 -30.57 -0.10 2.44
CA LEU B 269 -29.95 1.10 2.98
C LEU B 269 -30.50 2.38 2.34
N LEU B 270 -30.63 2.41 1.01
CA LEU B 270 -31.11 3.66 0.36
C LEU B 270 -32.54 3.97 0.79
N ALA B 271 -33.41 2.98 0.84
CA ALA B 271 -34.76 3.17 1.34
C ALA B 271 -34.76 3.84 2.72
N PHE B 272 -33.97 3.28 3.63
CA PHE B 272 -33.93 3.87 4.96
C PHE B 272 -33.40 5.28 4.93
N VAL B 273 -32.32 5.59 4.22
CA VAL B 273 -31.79 6.95 4.16
C VAL B 273 -32.83 7.90 3.59
N LYS B 274 -33.63 7.46 2.63
CA LYS B 274 -34.67 8.27 2.04
C LYS B 274 -35.92 8.38 2.89
N SER B 275 -36.19 7.49 3.84
CA SER B 275 -37.44 7.57 4.58
C SER B 275 -37.56 8.86 5.38
N GLY C 1 5.09 8.84 12.43
CA GLY C 1 5.81 10.16 12.48
C GLY C 1 6.70 10.22 11.24
N THR C 2 7.24 11.41 10.93
CA THR C 2 8.18 11.52 9.84
C THR C 2 9.25 12.53 10.27
N VAL C 3 10.45 12.35 9.79
CA VAL C 3 11.53 13.29 10.12
C VAL C 3 12.09 13.64 8.71
N THR C 4 12.44 14.90 8.52
CA THR C 4 13.04 15.28 7.22
C THR C 4 14.56 15.31 7.36
N THR C 5 15.30 14.67 6.50
CA THR C 5 16.76 14.63 6.63
C THR C 5 17.39 15.90 6.03
N SER C 6 18.69 15.95 6.13
CA SER C 6 19.38 17.19 5.66
C SER C 6 19.42 17.36 4.15
N ASP C 7 19.03 16.35 3.35
CA ASP C 7 18.86 16.45 1.91
C ASP C 7 17.39 16.55 1.55
N GLY C 8 16.48 16.73 2.50
CA GLY C 8 15.05 16.89 2.31
C GLY C 8 14.26 15.59 2.14
N THR C 9 14.91 14.45 2.39
CA THR C 9 14.18 13.17 2.29
C THR C 9 13.31 12.95 3.52
N ASN C 10 12.06 12.66 3.39
CA ASN C 10 11.21 12.35 4.54
C ASN C 10 11.37 10.87 4.93
N ILE C 11 11.52 10.60 6.23
CA ILE C 11 11.65 9.17 6.64
C ILE C 11 10.45 8.88 7.53
N PHE C 12 9.71 7.82 7.22
CA PHE C 12 8.58 7.47 8.11
C PHE C 12 9.11 6.62 9.29
N TYR C 13 8.49 6.73 10.44
CA TYR C 13 8.90 5.86 11.55
C TYR C 13 7.68 5.63 12.43
N LYS C 14 7.75 4.58 13.24
CA LYS C 14 6.72 4.25 14.24
C LYS C 14 7.42 4.41 15.62
N ASP C 15 6.68 4.83 16.61
CA ASP C 15 7.22 5.01 17.97
C ASP C 15 6.11 4.65 18.93
N TRP C 16 6.16 3.41 19.48
CA TRP C 16 5.03 3.01 20.33
C TRP C 16 5.55 2.65 21.74
N GLY C 17 4.64 2.70 22.72
CA GLY C 17 5.03 2.31 24.08
C GLY C 17 5.24 3.51 24.99
N PRO C 18 5.52 3.20 26.27
CA PRO C 18 5.78 4.20 27.27
C PRO C 18 6.88 5.15 26.86
N ARG C 19 6.63 6.43 27.14
CA ARG C 19 7.65 7.44 26.90
C ARG C 19 8.90 7.31 27.74
N ASP C 20 8.82 6.66 28.89
CA ASP C 20 9.99 6.48 29.75
C ASP C 20 10.51 5.04 29.70
N GLY C 21 10.06 4.29 28.70
CA GLY C 21 10.51 2.93 28.47
C GLY C 21 11.88 2.96 27.83
N LEU C 22 12.76 1.98 28.02
CA LEU C 22 14.05 1.96 27.41
C LEU C 22 13.74 1.77 25.89
N PRO C 23 14.41 2.53 25.05
CA PRO C 23 14.10 2.50 23.60
C PRO C 23 14.79 1.39 22.88
N VAL C 24 14.02 0.48 22.22
CA VAL C 24 14.51 -0.60 21.41
C VAL C 24 14.16 -0.23 19.93
N VAL C 25 15.22 -0.02 19.16
CA VAL C 25 15.09 0.54 17.79
C VAL C 25 15.43 -0.58 16.81
N PHE C 26 14.54 -0.81 15.85
CA PHE C 26 14.67 -1.91 14.90
C PHE C 26 14.95 -1.42 13.48
N HIS C 27 15.90 -2.08 12.87
CA HIS C 27 16.37 -1.70 11.52
C HIS C 27 16.14 -2.87 10.57
N HIS C 28 15.13 -2.70 9.70
CA HIS C 28 14.76 -3.82 8.81
C HIS C 28 15.78 -4.09 7.73
N GLY C 29 15.61 -5.25 7.08
CA GLY C 29 16.53 -5.70 6.07
C GLY C 29 16.00 -5.26 4.67
N TRP C 30 16.75 -5.69 3.69
CA TRP C 30 16.45 -5.44 2.28
C TRP C 30 15.50 -6.48 1.74
N PRO C 31 14.55 -6.10 0.91
CA PRO C 31 14.15 -4.77 0.52
C PRO C 31 12.86 -4.40 1.21
N LEU C 32 12.83 -4.45 2.56
CA LEU C 32 11.58 -4.42 3.30
C LEU C 32 11.20 -3.12 3.91
N SER C 33 10.58 -3.10 5.10
CA SER C 33 10.06 -1.91 5.72
C SER C 33 10.00 -2.09 7.24
N ALA C 34 9.61 -1.08 7.98
CA ALA C 34 9.41 -1.15 9.42
C ALA C 34 8.38 -2.25 9.78
N ASP C 35 7.48 -2.55 8.88
CA ASP C 35 6.41 -3.51 9.11
C ASP C 35 6.95 -4.93 9.17
N ASP C 36 8.18 -5.20 8.79
CA ASP C 36 8.76 -6.53 8.95
C ASP C 36 8.91 -6.88 10.43
N TRP C 37 8.85 -5.93 11.35
CA TRP C 37 9.09 -6.19 12.77
C TRP C 37 7.86 -6.36 13.62
N ASP C 38 6.64 -6.47 13.04
CA ASP C 38 5.40 -6.49 13.79
C ASP C 38 5.51 -7.46 15.00
N ASN C 39 5.95 -8.70 14.76
CA ASN C 39 6.00 -9.67 15.88
C ASN C 39 6.86 -9.13 17.04
N GLN C 40 8.10 -8.81 16.74
CA GLN C 40 9.05 -8.31 17.75
C GLN C 40 8.62 -7.00 18.36
N MET C 41 7.99 -6.07 17.62
CA MET C 41 7.44 -4.89 18.27
C MET C 41 6.35 -5.16 19.29
N LEU C 42 5.38 -6.04 18.94
CA LEU C 42 4.33 -6.37 19.93
C LEU C 42 4.92 -7.15 21.12
N PHE C 43 5.89 -8.00 20.85
CA PHE C 43 6.55 -8.75 21.93
C PHE C 43 7.23 -7.82 22.93
N PHE C 44 8.09 -6.92 22.45
CA PHE C 44 8.76 -5.99 23.39
C PHE C 44 7.81 -5.02 23.99
N LEU C 45 6.76 -4.57 23.29
CA LEU C 45 5.79 -3.68 23.92
C LEU C 45 5.10 -4.39 25.08
N SER C 46 4.83 -5.67 24.92
CA SER C 46 4.19 -6.42 26.01
C SER C 46 5.12 -6.50 27.24
N HIS C 47 6.42 -6.35 27.17
CA HIS C 47 7.33 -6.31 28.29
C HIS C 47 7.68 -4.91 28.75
N GLY C 48 6.92 -3.89 28.39
CA GLY C 48 7.06 -2.54 28.84
C GLY C 48 8.08 -1.68 28.12
N TYR C 49 8.68 -2.12 27.02
CA TYR C 49 9.66 -1.28 26.32
C TYR C 49 8.99 -0.29 25.35
N ARG C 50 9.77 0.74 25.03
CA ARG C 50 9.32 1.68 23.99
C ARG C 50 9.92 1.07 22.72
N VAL C 51 9.18 0.92 21.62
CA VAL C 51 9.72 0.33 20.42
C VAL C 51 9.60 1.30 19.24
N ILE C 52 10.63 1.39 18.47
CA ILE C 52 10.80 2.37 17.39
C ILE C 52 11.27 1.68 16.13
N ALA C 53 10.64 2.00 14.98
CA ALA C 53 11.24 1.34 13.78
C ALA C 53 10.97 2.29 12.58
N HIS C 54 11.96 2.53 11.77
CA HIS C 54 11.78 3.44 10.63
C HIS C 54 11.88 2.70 9.30
N ASP C 55 11.31 3.31 8.26
CA ASP C 55 11.42 2.84 6.89
C ASP C 55 12.72 3.48 6.33
N ARG C 56 13.66 2.67 5.87
CA ARG C 56 14.89 3.20 5.27
C ARG C 56 14.49 4.05 4.04
N ARG C 57 15.26 5.08 3.70
CA ARG C 57 14.89 5.92 2.53
C ARG C 57 14.71 5.02 1.33
N GLY C 58 13.73 5.33 0.48
CA GLY C 58 13.47 4.51 -0.69
C GLY C 58 12.74 3.21 -0.35
N HIS C 59 12.27 3.06 0.88
CA HIS C 59 11.58 1.82 1.30
C HIS C 59 10.30 2.22 1.97
N GLY C 60 9.30 1.32 1.87
CA GLY C 60 8.06 1.46 2.60
C GLY C 60 7.37 2.78 2.38
N ARG C 61 7.09 3.54 3.41
CA ARG C 61 6.36 4.79 3.35
C ARG C 61 7.34 5.97 3.25
N SER C 62 8.63 5.77 3.27
CA SER C 62 9.59 6.88 3.18
C SER C 62 9.68 7.39 1.72
N ASP C 63 10.19 8.63 1.56
CA ASP C 63 10.34 9.20 0.23
C ASP C 63 11.20 8.25 -0.59
N GLN C 64 11.26 8.53 -1.91
CA GLN C 64 12.04 7.76 -2.84
C GLN C 64 12.98 8.75 -3.58
N PRO C 65 14.05 9.15 -2.91
CA PRO C 65 14.96 10.14 -3.47
C PRO C 65 15.80 9.58 -4.59
N SER C 66 16.40 10.52 -5.32
CA SER C 66 17.33 10.11 -6.38
C SER C 66 18.57 9.48 -5.83
N THR C 67 19.13 9.98 -4.74
CA THR C 67 20.42 9.50 -4.27
C THR C 67 20.41 9.19 -2.78
N GLY C 68 21.60 8.81 -2.31
CA GLY C 68 21.73 8.55 -0.87
C GLY C 68 21.56 7.06 -0.60
N HIS C 69 21.61 6.17 -1.57
CA HIS C 69 21.46 4.74 -1.34
C HIS C 69 22.82 4.08 -1.04
N ASP C 70 23.33 4.35 0.15
CA ASP C 70 24.64 3.86 0.60
C ASP C 70 24.66 3.85 2.14
N MET C 71 25.55 3.08 2.74
CA MET C 71 25.58 2.91 4.21
C MET C 71 25.92 4.14 5.01
N ASP C 72 26.75 5.04 4.43
CA ASP C 72 27.05 6.29 5.16
C ASP C 72 25.81 7.13 5.28
N THR C 73 25.04 7.20 4.17
CA THR C 73 23.80 7.98 4.29
C THR C 73 22.77 7.27 5.17
N TYR C 74 22.66 5.97 5.06
CA TYR C 74 21.65 5.26 5.92
C TYR C 74 21.96 5.51 7.40
N ALA C 75 23.24 5.43 7.81
CA ALA C 75 23.61 5.74 9.21
C ALA C 75 23.42 7.20 9.57
N ALA C 76 23.55 8.17 8.64
CA ALA C 76 23.25 9.58 8.95
C ALA C 76 21.75 9.81 9.02
N ASP C 77 20.95 9.05 8.23
CA ASP C 77 19.50 9.19 8.41
C ASP C 77 19.08 8.68 9.81
N VAL C 78 19.67 7.58 10.26
CA VAL C 78 19.37 7.08 11.63
C VAL C 78 19.81 8.11 12.65
N ALA C 79 21.00 8.72 12.49
CA ALA C 79 21.41 9.77 13.44
C ALA C 79 20.41 10.89 13.48
N ALA C 80 19.83 11.28 12.31
CA ALA C 80 18.87 12.36 12.27
C ALA C 80 17.64 12.04 13.08
N LEU C 81 17.18 10.77 12.96
CA LEU C 81 16.01 10.31 13.74
C LEU C 81 16.32 10.25 15.23
N THR C 82 17.43 9.61 15.62
CA THR C 82 17.67 9.52 17.09
C THR C 82 17.95 10.86 17.75
N GLU C 83 18.46 11.81 16.97
CA GLU C 83 18.58 13.17 17.48
C GLU C 83 17.21 13.79 17.64
N ALA C 84 16.32 13.63 16.65
CA ALA C 84 15.00 14.24 16.78
C ALA C 84 14.21 13.68 17.95
N LEU C 85 14.36 12.38 18.22
CA LEU C 85 13.60 11.78 19.33
C LEU C 85 14.40 11.95 20.64
N ASP C 86 15.65 12.32 20.52
CA ASP C 86 16.51 12.50 21.69
C ASP C 86 16.65 11.20 22.47
N LEU C 87 17.03 10.12 21.78
CA LEU C 87 17.14 8.82 22.39
C LEU C 87 18.45 8.73 23.20
N ARG C 88 18.30 8.15 24.40
CA ARG C 88 19.50 7.95 25.24
C ARG C 88 19.50 6.49 25.65
N GLY C 89 20.64 5.86 25.61
CA GLY C 89 20.80 4.48 26.04
C GLY C 89 19.92 3.50 25.29
N ALA C 90 19.80 3.69 23.94
CA ALA C 90 18.95 2.75 23.19
C ALA C 90 19.65 1.44 22.90
N VAL C 91 18.83 0.43 22.56
CA VAL C 91 19.27 -0.85 22.08
C VAL C 91 18.87 -0.84 20.56
N HIS C 92 19.83 -1.04 19.71
CA HIS C 92 19.65 -1.10 18.26
C HIS C 92 19.65 -2.54 17.80
N ILE C 93 18.55 -3.00 17.18
CA ILE C 93 18.50 -4.35 16.62
C ILE C 93 18.43 -4.30 15.08
N GLY C 94 19.33 -4.90 14.37
CA GLY C 94 19.36 -4.83 12.90
C GLY C 94 19.33 -6.23 12.30
N HIS C 95 18.50 -6.40 11.26
CA HIS C 95 18.40 -7.64 10.53
C HIS C 95 19.07 -7.48 9.17
N SER C 96 19.85 -8.43 8.73
CA SER C 96 20.43 -8.39 7.37
C SER C 96 21.15 -7.12 7.04
N THR C 97 20.71 -6.45 5.93
CA THR C 97 21.22 -5.13 5.57
C THR C 97 21.08 -4.15 6.72
N GLY C 98 20.00 -4.26 7.52
CA GLY C 98 19.83 -3.41 8.69
C GLY C 98 20.97 -3.65 9.71
N GLY C 99 21.56 -4.86 9.74
CA GLY C 99 22.68 -5.04 10.70
C GLY C 99 23.90 -4.25 10.26
N GLY C 100 24.14 -4.11 8.93
CA GLY C 100 25.25 -3.23 8.51
C GLY C 100 24.96 -1.79 8.88
N GLU C 101 23.73 -1.30 8.67
CA GLU C 101 23.39 0.05 9.04
C GLU C 101 23.55 0.27 10.55
N VAL C 102 23.12 -0.66 11.40
CA VAL C 102 23.38 -0.56 12.85
C VAL C 102 24.89 -0.50 13.15
N ALA C 103 25.71 -1.33 12.53
CA ALA C 103 27.14 -1.29 12.83
C ALA C 103 27.66 0.13 12.51
N ARG C 104 27.32 0.66 11.32
CA ARG C 104 27.84 1.98 10.97
C ARG C 104 27.34 3.07 11.87
N TYR C 105 26.05 3.02 12.26
CA TYR C 105 25.50 4.02 13.11
C TYR C 105 26.20 3.93 14.50
N VAL C 106 26.16 2.75 15.07
CA VAL C 106 26.71 2.63 16.44
C VAL C 106 28.17 3.05 16.54
N ALA C 107 29.02 2.74 15.59
CA ALA C 107 30.41 3.14 15.53
C ALA C 107 30.60 4.65 15.54
N ARG C 108 29.65 5.41 15.03
CA ARG C 108 29.77 6.84 14.96
C ARG C 108 28.84 7.55 15.90
N ALA C 109 28.02 6.90 16.70
CA ALA C 109 27.02 7.56 17.49
C ALA C 109 27.59 8.50 18.57
N GLU C 110 26.85 9.55 18.87
CA GLU C 110 27.23 10.50 19.89
C GLU C 110 27.18 9.80 21.26
N PRO C 111 27.89 10.36 22.22
CA PRO C 111 27.98 9.78 23.55
C PRO C 111 26.61 9.68 24.18
N GLY C 112 26.30 8.53 24.77
CA GLY C 112 25.06 8.38 25.51
C GLY C 112 23.87 7.91 24.67
N ARG C 113 24.03 7.84 23.35
CA ARG C 113 22.90 7.44 22.50
C ARG C 113 22.67 5.93 22.51
N VAL C 114 23.70 5.13 22.51
CA VAL C 114 23.56 3.68 22.42
C VAL C 114 24.00 2.92 23.67
N ALA C 115 23.17 1.96 24.13
CA ALA C 115 23.59 1.08 25.22
C ALA C 115 24.09 -0.27 24.71
N LYS C 116 23.39 -0.89 23.72
CA LYS C 116 23.75 -2.19 23.22
C LYS C 116 23.27 -2.32 21.76
N ALA C 117 23.75 -3.33 21.09
CA ALA C 117 23.32 -3.58 19.72
C ALA C 117 23.13 -5.09 19.51
N VAL C 118 22.33 -5.45 18.50
CA VAL C 118 22.09 -6.83 18.13
C VAL C 118 22.14 -6.91 16.57
N LEU C 119 22.95 -7.78 16.05
CA LEU C 119 23.13 -8.02 14.64
C LEU C 119 22.54 -9.38 14.31
N VAL C 120 21.35 -9.38 13.68
CA VAL C 120 20.67 -10.64 13.38
C VAL C 120 20.80 -10.97 11.90
N SER C 121 21.40 -12.10 11.57
CA SER C 121 21.58 -12.55 10.20
C SER C 121 22.19 -11.41 9.37
N ALA C 122 23.15 -10.70 9.91
CA ALA C 122 23.66 -9.47 9.37
C ALA C 122 24.79 -9.63 8.39
N VAL C 123 24.94 -8.60 7.52
CA VAL C 123 25.95 -8.60 6.47
C VAL C 123 27.38 -8.40 6.87
N PRO C 124 27.76 -7.73 7.93
CA PRO C 124 29.17 -7.60 8.32
C PRO C 124 29.80 -8.98 8.52
N PRO C 125 31.13 -9.04 8.35
CA PRO C 125 31.92 -7.88 8.03
C PRO C 125 31.88 -7.46 6.56
N VAL C 126 31.86 -8.37 5.63
CA VAL C 126 31.80 -8.02 4.20
C VAL C 126 31.42 -9.26 3.44
N MET C 127 30.43 -9.14 2.53
CA MET C 127 29.97 -10.36 1.86
C MET C 127 30.74 -10.74 0.62
N VAL C 128 31.07 -9.75 -0.22
CA VAL C 128 31.62 -10.07 -1.54
C VAL C 128 33.00 -10.69 -1.51
N LYS C 129 33.22 -11.68 -2.37
CA LYS C 129 34.48 -12.41 -2.45
C LYS C 129 35.61 -11.47 -2.89
N SER C 130 36.79 -11.75 -2.35
CA SER C 130 37.96 -10.95 -2.72
C SER C 130 39.21 -11.64 -2.21
N ASP C 131 40.33 -10.94 -2.33
CA ASP C 131 41.64 -11.33 -1.86
C ASP C 131 41.66 -11.19 -0.34
N THR C 132 40.98 -10.15 0.15
CA THR C 132 40.80 -9.95 1.58
C THR C 132 39.72 -10.86 2.16
N ASN C 133 38.78 -11.33 1.35
CA ASN C 133 37.69 -12.19 1.88
C ASN C 133 37.45 -13.34 0.92
N PRO C 134 38.34 -14.33 0.96
CA PRO C 134 38.31 -15.48 0.09
C PRO C 134 37.07 -16.35 0.19
N ASP C 135 36.36 -16.27 1.30
CA ASP C 135 35.16 -17.08 1.49
C ASP C 135 33.89 -16.31 1.14
N GLY C 136 34.03 -15.13 0.55
CA GLY C 136 32.81 -14.39 0.21
C GLY C 136 32.07 -15.01 -0.95
N LEU C 137 30.96 -14.39 -1.35
CA LEU C 137 30.18 -14.80 -2.52
C LEU C 137 30.72 -14.00 -3.70
N PRO C 138 30.76 -14.61 -4.87
CA PRO C 138 31.28 -13.93 -6.05
C PRO C 138 30.38 -12.79 -6.47
N LEU C 139 30.91 -11.77 -7.09
CA LEU C 139 30.12 -10.66 -7.60
C LEU C 139 28.99 -11.10 -8.51
N GLU C 140 29.14 -12.19 -9.25
CA GLU C 140 28.14 -12.75 -10.11
C GLU C 140 26.84 -13.02 -9.38
N VAL C 141 26.82 -13.47 -8.15
CA VAL C 141 25.57 -13.63 -7.41
C VAL C 141 24.75 -12.33 -7.39
N PHE C 142 25.38 -11.24 -7.07
CA PHE C 142 24.71 -9.94 -6.92
C PHE C 142 24.37 -9.35 -8.27
N ASP C 143 25.17 -9.64 -9.29
CA ASP C 143 24.80 -9.24 -10.64
C ASP C 143 23.53 -9.94 -11.10
N GLU C 144 23.29 -11.18 -10.75
CA GLU C 144 22.04 -11.85 -11.09
C GLU C 144 20.86 -11.17 -10.36
N PHE C 145 21.06 -10.82 -9.07
CA PHE C 145 19.99 -10.13 -8.36
C PHE C 145 19.66 -8.80 -9.05
N ARG C 146 20.69 -8.05 -9.42
CA ARG C 146 20.48 -6.76 -10.07
C ARG C 146 19.66 -6.98 -11.35
N ALA C 147 20.09 -7.91 -12.18
CA ALA C 147 19.42 -8.20 -13.43
C ALA C 147 17.99 -8.66 -13.24
N ALA C 148 17.73 -9.58 -12.29
CA ALA C 148 16.35 -10.04 -12.14
C ALA C 148 15.44 -8.92 -11.64
N LEU C 149 16.00 -8.09 -10.74
CA LEU C 149 15.21 -7.00 -10.16
C LEU C 149 14.81 -6.00 -11.25
N ALA C 150 15.82 -5.62 -12.08
CA ALA C 150 15.52 -4.64 -13.14
C ALA C 150 14.58 -5.15 -14.21
N ALA C 151 14.59 -6.40 -14.51
CA ALA C 151 13.74 -6.99 -15.55
C ALA C 151 12.28 -7.10 -15.16
N ASN C 152 12.05 -7.61 -13.94
CA ASN C 152 10.65 -7.78 -13.54
C ASN C 152 10.70 -7.83 -11.99
N ARG C 153 10.59 -6.65 -11.40
CA ARG C 153 10.73 -6.62 -9.92
C ARG C 153 9.63 -7.44 -9.27
N ALA C 154 8.40 -7.29 -9.76
CA ALA C 154 7.20 -7.88 -9.22
C ALA C 154 7.36 -9.41 -9.14
N GLN C 155 7.94 -10.03 -10.16
CA GLN C 155 8.12 -11.48 -10.15
C GLN C 155 9.29 -11.87 -9.27
N PHE C 156 10.40 -11.17 -9.26
CA PHE C 156 11.60 -11.44 -8.46
C PHE C 156 11.22 -11.35 -6.96
N TYR C 157 10.31 -10.46 -6.59
CA TYR C 157 9.87 -10.31 -5.22
C TYR C 157 8.93 -11.41 -4.78
N ILE C 158 8.46 -12.29 -5.67
CA ILE C 158 7.72 -13.47 -5.29
C ILE C 158 8.79 -14.59 -5.14
N ASP C 159 9.74 -14.65 -6.08
CA ASP C 159 10.72 -15.74 -6.08
C ASP C 159 11.62 -15.76 -4.84
N VAL C 160 12.06 -14.58 -4.40
CA VAL C 160 12.98 -14.53 -3.27
C VAL C 160 12.37 -15.09 -1.99
N PRO C 161 11.23 -14.60 -1.53
CA PRO C 161 10.58 -15.06 -0.32
C PRO C 161 10.03 -16.48 -0.53
N SER C 162 9.75 -16.89 -1.76
CA SER C 162 9.25 -18.22 -2.04
C SER C 162 10.38 -19.28 -1.98
N GLY C 163 11.61 -18.88 -2.22
CA GLY C 163 12.70 -19.83 -2.20
C GLY C 163 13.64 -19.68 -1.01
N PRO C 164 14.67 -18.89 -1.18
CA PRO C 164 15.70 -18.77 -0.20
C PRO C 164 15.42 -18.02 1.10
N PHE C 165 14.65 -16.95 1.05
CA PHE C 165 14.57 -16.10 2.22
C PHE C 165 14.13 -16.75 3.51
N TYR C 166 13.09 -17.56 3.49
CA TYR C 166 12.50 -18.14 4.67
C TYR C 166 12.76 -19.65 4.75
N GLY C 167 13.53 -20.16 3.81
CA GLY C 167 13.86 -21.59 3.79
C GLY C 167 12.66 -22.41 3.39
N PHE C 168 11.73 -21.82 2.61
CA PHE C 168 10.54 -22.61 2.26
C PHE C 168 10.84 -23.61 1.15
N ASN C 169 12.02 -23.55 0.58
CA ASN C 169 12.46 -24.45 -0.47
C ASN C 169 13.09 -25.71 0.16
N ARG C 170 13.11 -25.87 1.45
CA ARG C 170 13.66 -27.02 2.15
C ARG C 170 12.60 -28.08 2.40
N GLU C 171 12.90 -29.36 2.08
CA GLU C 171 11.88 -30.39 2.29
C GLU C 171 11.44 -30.38 3.75
N GLY C 172 10.14 -30.50 3.95
CA GLY C 172 9.60 -30.52 5.31
C GLY C 172 9.34 -29.17 5.95
N ALA C 173 9.72 -28.06 5.31
CA ALA C 173 9.44 -26.77 5.95
C ALA C 173 7.94 -26.47 5.97
N THR C 174 7.54 -25.77 7.03
CA THR C 174 6.13 -25.36 7.11
C THR C 174 6.01 -24.01 6.38
N VAL C 175 5.37 -23.93 5.24
CA VAL C 175 5.25 -22.71 4.46
C VAL C 175 4.10 -21.83 4.96
N SER C 176 4.38 -20.53 5.08
CA SER C 176 3.34 -19.58 5.43
C SER C 176 3.11 -18.67 4.21
N GLN C 177 1.98 -18.80 3.53
CA GLN C 177 1.67 -17.94 2.40
C GLN C 177 1.62 -16.46 2.87
N GLY C 178 1.19 -16.16 4.09
CA GLY C 178 1.18 -14.78 4.52
C GLY C 178 2.55 -14.16 4.60
N LEU C 179 3.58 -14.93 4.99
CA LEU C 179 4.91 -14.38 5.05
C LEU C 179 5.37 -14.01 3.65
N ILE C 180 5.07 -14.86 2.67
CA ILE C 180 5.47 -14.59 1.29
C ILE C 180 4.80 -13.32 0.73
N ASP C 181 3.50 -13.24 0.91
CA ASP C 181 2.74 -12.09 0.37
C ASP C 181 3.19 -10.83 1.06
N HIS C 182 3.43 -10.83 2.38
CA HIS C 182 3.85 -9.63 3.08
C HIS C 182 5.23 -9.19 2.68
N TRP C 183 6.17 -10.09 2.40
CA TRP C 183 7.50 -9.70 1.94
C TRP C 183 7.36 -8.93 0.61
N TRP C 184 6.57 -9.52 -0.26
CA TRP C 184 6.34 -8.95 -1.60
C TRP C 184 5.68 -7.56 -1.50
N LEU C 185 4.67 -7.37 -0.70
CA LEU C 185 4.02 -6.09 -0.53
C LEU C 185 5.01 -5.05 -0.05
N GLN C 186 5.79 -5.43 1.01
CA GLN C 186 6.69 -4.42 1.56
C GLN C 186 7.71 -4.07 0.45
N GLY C 187 8.22 -5.06 -0.27
CA GLY C 187 9.16 -4.82 -1.36
C GLY C 187 8.54 -3.93 -2.48
N MET C 188 7.33 -4.22 -2.92
CA MET C 188 6.75 -3.40 -4.00
C MET C 188 6.45 -1.98 -3.61
N MET C 189 6.12 -1.68 -2.33
CA MET C 189 5.94 -0.32 -1.91
C MET C 189 7.25 0.51 -2.01
N GLY C 190 8.42 -0.08 -1.84
CA GLY C 190 9.66 0.66 -1.87
C GLY C 190 10.06 0.99 -3.35
N ALA C 191 11.14 1.78 -3.45
CA ALA C 191 11.57 2.22 -4.79
C ALA C 191 12.44 1.26 -5.53
N ALA C 192 12.16 1.09 -6.84
CA ALA C 192 13.05 0.26 -7.63
C ALA C 192 14.51 0.70 -7.65
N ASN C 193 14.75 2.01 -7.72
CA ASN C 193 16.16 2.44 -7.77
C ASN C 193 16.85 2.20 -6.42
N ALA C 194 16.16 2.51 -5.34
CA ALA C 194 16.84 2.26 -4.03
C ALA C 194 17.13 0.79 -3.84
N HIS C 195 16.13 -0.08 -4.15
CA HIS C 195 16.33 -1.49 -4.00
C HIS C 195 17.50 -2.00 -4.85
N TYR C 196 17.60 -1.44 -6.07
CA TYR C 196 18.66 -1.89 -7.00
C TYR C 196 19.99 -1.43 -6.45
N GLU C 197 20.16 -0.18 -6.09
CA GLU C 197 21.43 0.37 -5.61
C GLU C 197 21.84 -0.20 -4.26
N CYS C 198 20.85 -0.55 -3.44
CA CYS C 198 21.15 -1.10 -2.10
C CYS C 198 21.88 -2.42 -2.20
N ILE C 199 21.72 -3.20 -3.26
CA ILE C 199 22.42 -4.46 -3.40
C ILE C 199 23.94 -4.27 -3.32
N ALA C 200 24.49 -3.27 -4.04
CA ALA C 200 25.91 -2.99 -3.93
C ALA C 200 26.27 -2.51 -2.52
N ALA C 201 25.37 -1.69 -1.96
CA ALA C 201 25.63 -1.16 -0.61
C ALA C 201 25.78 -2.27 0.41
N PHE C 202 24.90 -3.28 0.43
CA PHE C 202 24.96 -4.28 1.47
C PHE C 202 26.02 -5.34 1.19
N SER C 203 26.25 -5.69 -0.08
CA SER C 203 27.20 -6.73 -0.39
C SER C 203 28.65 -6.29 -0.56
N GLU C 204 28.92 -5.03 -0.86
CA GLU C 204 30.27 -4.61 -1.16
C GLU C 204 30.84 -3.70 -0.08
N THR C 205 30.03 -3.22 0.84
CA THR C 205 30.55 -2.38 1.92
C THR C 205 31.36 -3.21 2.92
N ASP C 206 32.56 -2.73 3.24
CA ASP C 206 33.36 -3.43 4.24
C ASP C 206 33.11 -2.78 5.60
N PHE C 207 32.56 -3.51 6.54
CA PHE C 207 32.24 -2.92 7.85
C PHE C 207 33.31 -3.27 8.88
N THR C 208 34.47 -3.74 8.43
CA THR C 208 35.52 -4.16 9.38
C THR C 208 35.87 -3.10 10.39
N ASP C 209 36.12 -1.88 9.94
CA ASP C 209 36.50 -0.78 10.81
C ASP C 209 35.35 -0.33 11.70
N ASP C 210 34.11 -0.47 11.20
CA ASP C 210 32.96 -0.13 12.05
C ASP C 210 32.97 -1.07 13.25
N LEU C 211 33.08 -2.37 12.99
CA LEU C 211 33.05 -3.35 14.08
C LEU C 211 34.16 -3.13 15.11
N LYS C 212 35.33 -2.73 14.65
CA LYS C 212 36.45 -2.52 15.57
C LYS C 212 36.19 -1.28 16.40
N ARG C 213 35.31 -0.37 16.05
CA ARG C 213 35.11 0.79 16.91
C ARG C 213 33.97 0.66 17.92
N ILE C 214 33.15 -0.37 17.80
CA ILE C 214 32.01 -0.53 18.71
C ILE C 214 32.48 -1.10 20.07
N ASP C 215 32.16 -0.39 21.15
CA ASP C 215 32.59 -0.99 22.43
C ASP C 215 31.43 -1.34 23.34
N VAL C 216 30.18 -1.21 22.90
CA VAL C 216 29.06 -1.65 23.71
C VAL C 216 28.87 -3.15 23.50
N PRO C 217 28.16 -3.83 24.39
CA PRO C 217 27.86 -5.25 24.23
C PRO C 217 27.07 -5.49 22.92
N VAL C 218 27.42 -6.50 22.14
CA VAL C 218 26.74 -6.75 20.86
C VAL C 218 26.35 -8.21 20.80
N LEU C 219 25.08 -8.52 20.49
CA LEU C 219 24.66 -9.92 20.32
C LEU C 219 24.68 -10.20 18.82
N VAL C 220 25.34 -11.26 18.41
CA VAL C 220 25.47 -11.63 17.00
C VAL C 220 24.70 -12.94 16.86
N ALA C 221 23.54 -12.90 16.22
CA ALA C 221 22.67 -14.06 16.10
C ALA C 221 22.52 -14.45 14.63
N HIS C 222 22.62 -15.74 14.33
CA HIS C 222 22.61 -16.12 12.91
C HIS C 222 22.18 -17.57 12.77
N GLY C 223 21.37 -17.85 11.77
CA GLY C 223 20.88 -19.18 11.44
C GLY C 223 21.95 -19.89 10.63
N THR C 224 22.20 -21.20 10.83
CA THR C 224 23.23 -21.87 10.09
C THR C 224 22.80 -22.25 8.68
N ASP C 225 21.53 -22.27 8.35
CA ASP C 225 21.17 -22.57 6.93
C ASP C 225 20.65 -21.32 6.24
N ASP C 226 21.29 -20.19 6.47
CA ASP C 226 20.94 -18.89 5.90
C ASP C 226 21.38 -18.90 4.44
N GLN C 227 20.42 -18.86 3.54
CA GLN C 227 20.75 -18.93 2.10
C GLN C 227 20.94 -17.56 1.48
N VAL C 228 20.84 -16.48 2.24
CA VAL C 228 20.99 -15.13 1.67
C VAL C 228 22.31 -14.55 2.15
N VAL C 229 22.58 -14.62 3.45
CA VAL C 229 23.84 -14.13 4.01
C VAL C 229 24.53 -15.32 4.68
N PRO C 230 25.38 -16.02 3.95
CA PRO C 230 26.03 -17.23 4.45
C PRO C 230 26.59 -17.07 5.84
N TYR C 231 26.28 -17.99 6.74
CA TYR C 231 26.71 -17.95 8.14
C TYR C 231 28.20 -17.83 8.36
N ALA C 232 28.99 -18.73 7.80
CA ALA C 232 30.44 -18.80 7.98
C ALA C 232 31.19 -17.55 7.64
N ASP C 233 30.74 -16.77 6.63
CA ASP C 233 31.44 -15.54 6.28
C ASP C 233 30.91 -14.34 7.06
N ALA C 234 29.90 -14.54 7.90
CA ALA C 234 29.37 -13.44 8.65
C ALA C 234 29.53 -13.54 10.14
N ALA C 235 28.61 -14.21 10.84
CA ALA C 235 28.54 -14.23 12.29
C ALA C 235 29.81 -14.51 13.06
N PRO C 236 30.51 -15.59 12.81
CA PRO C 236 31.79 -15.87 13.48
C PRO C 236 32.84 -14.81 13.27
N LYS C 237 32.93 -14.23 12.06
CA LYS C 237 33.89 -13.20 11.76
C LYS C 237 33.57 -11.88 12.44
N SER C 238 32.25 -11.59 12.49
CA SER C 238 31.82 -10.37 13.18
C SER C 238 32.12 -10.51 14.68
N ALA C 239 31.80 -11.69 15.20
CA ALA C 239 32.04 -11.93 16.64
C ALA C 239 33.53 -11.84 16.97
N GLU C 240 34.46 -12.28 16.15
CA GLU C 240 35.88 -12.14 16.45
C GLU C 240 36.28 -10.67 16.46
N LEU C 241 35.75 -9.87 15.53
CA LEU C 241 36.16 -8.46 15.43
C LEU C 241 35.58 -7.59 16.49
N LEU C 242 34.46 -7.96 17.11
CA LEU C 242 33.89 -7.08 18.13
C LEU C 242 34.56 -7.26 19.49
N ALA C 243 34.77 -6.19 20.22
CA ALA C 243 35.34 -6.23 21.56
C ALA C 243 34.48 -7.01 22.56
N ASN C 244 33.18 -6.76 22.64
CA ASN C 244 32.31 -7.43 23.61
C ASN C 244 31.09 -8.06 22.96
N ALA C 245 31.28 -9.15 22.25
CA ALA C 245 30.24 -9.83 21.52
C ALA C 245 29.94 -11.21 22.10
N THR C 246 28.71 -11.59 21.97
CA THR C 246 28.14 -12.88 22.31
C THR C 246 27.62 -13.45 20.98
N LEU C 247 28.10 -14.60 20.61
CA LEU C 247 27.64 -15.26 19.38
C LEU C 247 26.59 -16.33 19.66
N LYS C 248 25.43 -16.31 18.99
CA LYS C 248 24.44 -17.34 19.12
C LYS C 248 24.08 -17.92 17.75
N SER C 249 24.37 -19.18 17.51
CA SER C 249 24.08 -19.88 16.27
C SER C 249 22.78 -20.67 16.38
N TYR C 250 21.92 -20.61 15.37
CA TYR C 250 20.66 -21.34 15.43
C TYR C 250 20.68 -22.37 14.30
N GLU C 251 20.92 -23.61 14.74
CA GLU C 251 21.13 -24.70 13.79
C GLU C 251 19.97 -24.88 12.84
N GLY C 252 20.24 -24.78 11.54
CA GLY C 252 19.22 -25.03 10.53
C GLY C 252 18.20 -23.94 10.31
N LEU C 253 18.37 -22.74 10.87
CA LEU C 253 17.35 -21.71 10.71
C LEU C 253 17.73 -20.87 9.50
N PRO C 254 16.69 -20.27 8.89
CA PRO C 254 16.89 -19.50 7.69
C PRO C 254 17.26 -18.04 7.91
N HIS C 255 17.39 -17.30 6.81
CA HIS C 255 17.66 -15.88 6.89
C HIS C 255 16.50 -15.12 7.54
N GLY C 256 15.27 -15.57 7.28
CA GLY C 256 14.09 -14.89 7.77
C GLY C 256 13.61 -15.44 9.11
N MET C 257 14.53 -15.93 9.95
CA MET C 257 14.18 -16.62 11.19
C MET C 257 13.43 -15.83 12.22
N LEU C 258 13.55 -14.52 12.27
CA LEU C 258 12.74 -13.70 13.20
C LEU C 258 11.25 -13.83 12.97
N SER C 259 10.89 -14.18 11.72
CA SER C 259 9.49 -14.36 11.38
C SER C 259 9.09 -15.86 11.33
N THR C 260 9.99 -16.76 10.97
CA THR C 260 9.58 -18.17 10.92
C THR C 260 9.68 -18.84 12.29
N HIS C 261 10.61 -18.34 13.14
CA HIS C 261 10.80 -18.98 14.48
C HIS C 261 10.94 -17.97 15.58
N PRO C 262 9.93 -17.12 15.77
CA PRO C 262 9.98 -16.07 16.77
C PRO C 262 9.93 -16.64 18.18
N GLU C 263 9.34 -17.82 18.32
CA GLU C 263 9.30 -18.48 19.64
C GLU C 263 10.71 -18.89 20.06
N VAL C 264 11.66 -19.06 19.17
CA VAL C 264 13.04 -19.36 19.45
C VAL C 264 13.86 -18.08 19.65
N LEU C 265 13.74 -17.11 18.73
CA LEU C 265 14.55 -15.89 18.85
C LEU C 265 14.09 -14.87 19.85
N ASN C 266 12.82 -14.64 20.04
CA ASN C 266 12.35 -13.58 20.95
C ASN C 266 12.87 -13.76 22.38
N PRO C 267 12.79 -14.94 22.98
CA PRO C 267 13.37 -15.17 24.33
C PRO C 267 14.83 -14.78 24.42
N ASP C 268 15.65 -15.13 23.43
CA ASP C 268 17.05 -14.79 23.39
C ASP C 268 17.28 -13.30 23.22
N LEU C 269 16.48 -12.60 22.39
CA LEU C 269 16.61 -11.15 22.32
C LEU C 269 16.29 -10.51 23.66
N LEU C 270 15.20 -10.90 24.30
CA LEU C 270 14.81 -10.35 25.58
C LEU C 270 15.87 -10.60 26.64
N ALA C 271 16.44 -11.83 26.66
CA ALA C 271 17.44 -12.10 27.73
C ALA C 271 18.67 -11.23 27.54
N PHE C 272 19.00 -10.93 26.28
CA PHE C 272 20.14 -10.05 25.97
C PHE C 272 19.83 -8.65 26.40
N VAL C 273 18.63 -8.13 26.12
CA VAL C 273 18.28 -6.78 26.53
C VAL C 273 18.17 -6.63 28.06
N LYS C 274 17.75 -7.68 28.80
CA LYS C 274 17.72 -7.63 30.26
C LYS C 274 19.08 -7.87 30.92
N SER C 275 20.12 -8.24 30.19
CA SER C 275 21.41 -8.53 30.74
C SER C 275 22.31 -7.28 30.89
#